data_1C9U
#
_entry.id   1C9U
#
_cell.length_a   60.590
_cell.length_b   158.720
_cell.length_c   221.390
_cell.angle_alpha   90.00
_cell.angle_beta   90.00
_cell.angle_gamma   90.00
#
_symmetry.space_group_name_H-M   'C 2 2 21'
#
loop_
_entity.id
_entity.type
_entity.pdbx_description
1 polymer 'SOLUBLE QUINOPROTEIN GLUCOSE DEHYDROGENASE'
2 non-polymer 'CALCIUM ION'
3 non-polymer 'PYRROLOQUINOLINE QUINONE'
4 non-polymer GLYCEROL
5 water water
#
_entity_poly.entity_id   1
_entity_poly.type   'polypeptide(L)'
_entity_poly.pdbx_seq_one_letter_code
;DVPLTPSQFAKAKSENFDKKVILSNLNKPHALLWGPDNQIWLTERATGKILRVNPESGSVKTVFQVPEIVNDADGQNGLL
GFAFHPDFKNNPYIYISGTFKNPKSTDKELPNQTIIRRYTYNKSTDTLEKPVDLLAGLPSSKDHQSGRLVIGPDQKIYYT
IGDQGRNQLAYLFLPNQAQHTPTQQELNGKDYHTYMGKVLRLNLDGSIPKDNPSFNGVVSHIYTLGHRNPQGLAFTPNGK
LLQSEQGPNSDDEINLIVKGGNYGWPNVAGYKDDSGYAYANYSAAANKSIKDLAQNGVKVAAGVPVTKESEWTGKNFVPP
LKTLYTVQDTYNYNDPTCGEMTYICWPTVAPSSAYVYKGGKKAITGWENTLLVPSLKRGVIFRIKLDPTYSTTYDDAVPM
FKSNNRYRDVIASPDGNVLYVLTDTAGNVQKDDGSVTNTLENPGSLIKFTYKAK
;
_entity_poly.pdbx_strand_id   A,B
#
loop_
_chem_comp.id
_chem_comp.type
_chem_comp.name
_chem_comp.formula
CA non-polymer 'CALCIUM ION' 'Ca 2'
GOL non-polymer GLYCEROL 'C3 H8 O3'
PQQ non-polymer 'PYRROLOQUINOLINE QUINONE' 'C14 H6 N2 O8'
#
# COMPACT_ATOMS: atom_id res chain seq x y z
N ASP A 1 -3.90 -8.68 -5.23
CA ASP A 1 -3.75 -9.11 -6.64
C ASP A 1 -4.79 -10.15 -7.05
N VAL A 2 -4.89 -10.36 -8.36
CA VAL A 2 -5.84 -11.31 -8.93
C VAL A 2 -5.17 -12.65 -9.17
N PRO A 3 -5.86 -13.72 -8.80
CA PRO A 3 -5.34 -15.06 -8.92
C PRO A 3 -4.85 -15.45 -10.31
N LEU A 4 -3.66 -16.04 -10.34
CA LEU A 4 -3.12 -16.57 -11.59
C LEU A 4 -3.85 -17.88 -11.84
N THR A 5 -4.09 -18.24 -13.09
CA THR A 5 -4.80 -19.48 -13.39
C THR A 5 -3.83 -20.64 -13.47
N PRO A 6 -4.33 -21.87 -13.40
CA PRO A 6 -3.50 -23.06 -13.49
C PRO A 6 -2.57 -22.96 -14.70
N SER A 7 -3.11 -22.43 -15.79
CA SER A 7 -2.34 -22.27 -17.02
C SER A 7 -1.13 -21.36 -16.82
N GLN A 8 -1.36 -20.19 -16.24
CA GLN A 8 -0.29 -19.22 -16.02
C GLN A 8 0.84 -19.80 -15.18
N PHE A 9 0.49 -20.58 -14.17
CA PHE A 9 1.49 -21.19 -13.31
C PHE A 9 2.33 -22.22 -14.06
N ALA A 10 1.67 -23.04 -14.87
CA ALA A 10 2.33 -24.08 -15.62
C ALA A 10 3.37 -23.52 -16.59
N LYS A 11 3.13 -22.34 -17.14
CA LYS A 11 4.06 -21.77 -18.11
C LYS A 11 5.21 -21.02 -17.43
N ALA A 12 5.24 -21.03 -16.11
CA ALA A 12 6.31 -20.35 -15.38
C ALA A 12 7.41 -21.35 -14.98
N LYS A 13 8.01 -21.96 -15.99
CA LYS A 13 9.03 -22.98 -15.76
C LYS A 13 10.44 -22.42 -15.58
N SER A 14 10.68 -21.16 -15.93
CA SER A 14 12.00 -20.58 -15.78
C SER A 14 13.04 -21.39 -16.54
N GLU A 15 12.90 -21.35 -17.86
CA GLU A 15 13.72 -22.08 -18.80
C GLU A 15 15.16 -21.56 -18.78
N ASN A 16 15.29 -20.31 -18.40
CA ASN A 16 16.53 -19.56 -18.34
C ASN A 16 17.42 -19.87 -17.14
N PHE A 17 17.11 -20.95 -16.43
CA PHE A 17 17.87 -21.34 -15.25
C PHE A 17 18.22 -22.82 -15.29
N ASP A 18 19.43 -23.16 -14.88
CA ASP A 18 19.85 -24.56 -14.82
C ASP A 18 19.49 -25.13 -13.45
N LYS A 19 18.76 -26.23 -13.43
CA LYS A 19 18.37 -26.87 -12.18
C LYS A 19 19.39 -27.94 -11.78
N LYS A 20 19.72 -28.00 -10.50
CA LYS A 20 20.71 -28.98 -10.05
C LYS A 20 20.56 -29.29 -8.57
N VAL A 21 20.11 -30.51 -8.27
CA VAL A 21 19.90 -30.97 -6.91
C VAL A 21 21.22 -31.20 -6.20
N ILE A 22 21.41 -30.58 -5.05
CA ILE A 22 22.63 -30.74 -4.27
C ILE A 22 22.46 -31.84 -3.24
N LEU A 23 21.35 -31.79 -2.49
CA LEU A 23 21.04 -32.80 -1.49
C LEU A 23 19.68 -33.44 -1.76
N SER A 24 19.52 -34.69 -1.34
CA SER A 24 18.28 -35.41 -1.60
C SER A 24 17.57 -36.01 -0.40
N ASN A 25 18.25 -36.76 0.47
CA ASN A 25 17.54 -37.38 1.59
C ASN A 25 17.45 -36.39 2.76
N LEU A 26 16.44 -35.52 2.78
CA LEU A 26 16.35 -34.61 3.92
C LEU A 26 15.02 -34.74 4.63
N ASN A 27 15.10 -34.64 5.95
CA ASN A 27 13.91 -34.77 6.79
C ASN A 27 13.34 -33.39 7.14
N LYS A 28 12.29 -33.03 6.40
CA LYS A 28 11.60 -31.77 6.57
C LYS A 28 12.56 -30.58 6.70
N PRO A 29 13.31 -30.32 5.64
CA PRO A 29 14.21 -29.18 5.59
C PRO A 29 13.37 -27.91 5.71
N HIS A 30 13.71 -27.05 6.67
CA HIS A 30 12.91 -25.85 6.91
C HIS A 30 13.56 -24.58 6.41
N ALA A 31 14.61 -24.13 7.08
CA ALA A 31 15.28 -22.88 6.70
C ALA A 31 16.72 -23.12 6.25
N LEU A 32 17.19 -22.27 5.35
CA LEU A 32 18.58 -22.34 4.90
C LEU A 32 19.19 -20.93 4.93
N LEU A 33 20.46 -20.84 5.32
CA LEU A 33 21.15 -19.58 5.43
C LEU A 33 22.56 -19.62 4.86
N TRP A 34 23.04 -18.48 4.38
CA TRP A 34 24.41 -18.39 3.89
C TRP A 34 25.33 -18.09 5.08
N GLY A 35 26.01 -19.13 5.57
CA GLY A 35 26.87 -19.02 6.73
C GLY A 35 28.04 -18.05 6.55
N PRO A 36 28.59 -17.61 7.67
CA PRO A 36 29.73 -16.70 7.69
C PRO A 36 31.00 -17.33 7.15
N ASP A 37 30.92 -18.61 6.80
CA ASP A 37 32.05 -19.36 6.26
C ASP A 37 31.85 -19.63 4.77
N ASN A 38 30.87 -18.95 4.19
CA ASN A 38 30.53 -19.09 2.78
C ASN A 38 30.02 -20.50 2.47
N GLN A 39 29.40 -21.09 3.50
CA GLN A 39 28.79 -22.41 3.39
C GLN A 39 27.29 -22.28 3.66
N ILE A 40 26.50 -23.14 3.02
CA ILE A 40 25.05 -23.12 3.23
C ILE A 40 24.69 -23.95 4.45
N TRP A 41 24.04 -23.30 5.43
CA TRP A 41 23.60 -23.99 6.62
C TRP A 41 22.07 -24.11 6.61
N LEU A 42 21.58 -25.34 6.71
CA LEU A 42 20.13 -25.54 6.72
C LEU A 42 19.71 -26.30 7.97
N THR A 43 18.40 -26.38 8.18
CA THR A 43 17.86 -27.10 9.33
C THR A 43 16.86 -28.15 8.88
N GLU A 44 16.65 -29.13 9.75
CA GLU A 44 15.67 -30.19 9.55
C GLU A 44 14.64 -30.03 10.69
N ARG A 45 13.43 -29.60 10.38
CA ARG A 45 12.46 -29.31 11.42
C ARG A 45 12.19 -30.47 12.38
N ALA A 46 11.90 -31.65 11.86
CA ALA A 46 11.56 -32.79 12.70
C ALA A 46 12.70 -33.24 13.61
N THR A 47 13.87 -33.44 13.05
CA THR A 47 15.02 -33.97 13.79
C THR A 47 15.80 -32.93 14.58
N GLY A 48 15.83 -31.70 14.10
CA GLY A 48 16.55 -30.63 14.79
C GLY A 48 18.02 -30.56 14.40
N LYS A 49 18.36 -31.18 13.28
CA LYS A 49 19.74 -31.17 12.80
C LYS A 49 20.07 -29.86 12.09
N ILE A 50 21.31 -29.42 12.25
CA ILE A 50 21.81 -28.22 11.60
C ILE A 50 22.95 -28.60 10.66
N LEU A 51 22.64 -28.72 9.37
CA LEU A 51 23.61 -29.14 8.38
C LEU A 51 24.46 -27.98 7.85
N ARG A 52 25.61 -28.34 7.30
CA ARG A 52 26.48 -27.37 6.63
C ARG A 52 26.95 -27.97 5.32
N VAL A 53 26.31 -27.52 4.25
CA VAL A 53 26.59 -28.01 2.91
C VAL A 53 27.61 -27.13 2.19
N ASN A 54 28.62 -27.76 1.59
CA ASN A 54 29.58 -27.03 0.76
C ASN A 54 28.82 -26.70 -0.53
N PRO A 55 28.52 -25.42 -0.73
CA PRO A 55 27.72 -24.97 -1.85
C PRO A 55 28.32 -25.23 -3.22
N GLU A 56 29.61 -25.54 -3.25
CA GLU A 56 30.32 -25.75 -4.50
C GLU A 56 30.58 -27.22 -4.82
N SER A 57 30.44 -28.09 -3.82
CA SER A 57 30.68 -29.51 -4.02
C SER A 57 29.46 -30.35 -3.65
N GLY A 58 28.77 -29.93 -2.59
CA GLY A 58 27.58 -30.63 -2.13
C GLY A 58 27.87 -31.52 -0.93
N SER A 59 29.09 -31.43 -0.40
CA SER A 59 29.46 -32.22 0.77
C SER A 59 28.78 -31.67 2.02
N VAL A 60 28.20 -32.56 2.80
CA VAL A 60 27.45 -32.17 3.98
C VAL A 60 27.95 -32.79 5.27
N LYS A 61 27.97 -31.97 6.33
CA LYS A 61 28.32 -32.47 7.65
C LYS A 61 27.27 -31.95 8.65
N THR A 62 26.83 -32.86 9.51
CA THR A 62 25.86 -32.53 10.54
C THR A 62 26.60 -31.86 11.69
N VAL A 63 26.54 -30.54 11.73
CA VAL A 63 27.23 -29.74 12.72
C VAL A 63 26.72 -30.00 14.13
N PHE A 64 25.39 -29.99 14.26
CA PHE A 64 24.75 -30.15 15.56
C PHE A 64 23.30 -30.59 15.37
N GLN A 65 22.76 -31.28 16.36
CA GLN A 65 21.37 -31.70 16.35
C GLN A 65 20.74 -31.21 17.66
N VAL A 66 19.78 -30.30 17.54
CA VAL A 66 19.17 -29.75 18.75
C VAL A 66 18.39 -30.83 19.47
N PRO A 67 18.78 -31.10 20.71
CA PRO A 67 18.20 -32.14 21.53
C PRO A 67 16.79 -31.88 22.02
N GLU A 68 16.00 -32.94 22.10
CA GLU A 68 14.64 -32.92 22.60
C GLU A 68 13.65 -32.15 21.73
N ILE A 69 13.98 -31.88 20.46
CA ILE A 69 13.00 -31.23 19.59
C ILE A 69 11.78 -32.14 19.46
N VAL A 70 10.63 -31.55 19.76
CA VAL A 70 9.36 -32.25 19.62
C VAL A 70 8.83 -32.01 18.20
N ASN A 71 8.19 -33.02 17.63
CA ASN A 71 7.66 -32.89 16.28
C ASN A 71 6.48 -33.83 16.06
N ASP A 72 5.33 -33.24 15.77
CA ASP A 72 4.15 -34.04 15.45
C ASP A 72 4.15 -34.30 13.94
N ALA A 73 4.10 -35.58 13.58
CA ALA A 73 4.11 -35.94 12.17
C ALA A 73 3.06 -35.14 11.41
N ASP A 74 1.96 -34.81 12.07
CA ASP A 74 0.91 -34.04 11.42
C ASP A 74 1.10 -32.54 11.62
N GLY A 75 2.10 -32.13 12.38
CA GLY A 75 2.31 -30.73 12.68
C GLY A 75 3.35 -29.93 11.92
N GLN A 76 3.43 -28.66 12.31
CA GLN A 76 4.34 -27.68 11.76
C GLN A 76 5.38 -27.27 12.80
N ASN A 77 5.37 -27.96 13.93
CA ASN A 77 6.28 -27.68 15.04
C ASN A 77 7.61 -28.39 14.85
N GLY A 78 8.56 -28.07 15.73
CA GLY A 78 9.90 -28.66 15.69
C GLY A 78 10.97 -27.58 15.82
N LEU A 79 12.10 -27.79 15.16
CA LEU A 79 13.16 -26.78 15.16
C LEU A 79 12.74 -25.71 14.16
N LEU A 80 12.51 -24.49 14.62
CA LEU A 80 12.00 -23.44 13.73
C LEU A 80 12.97 -22.31 13.49
N GLY A 81 13.16 -21.42 14.46
CA GLY A 81 14.07 -20.30 14.29
C GLY A 81 15.49 -20.74 13.98
N PHE A 82 16.21 -19.94 13.22
CA PHE A 82 17.60 -20.22 12.87
C PHE A 82 18.27 -18.99 12.26
N ALA A 83 19.21 -18.42 13.01
CA ALA A 83 19.94 -17.25 12.56
C ALA A 83 21.36 -17.23 13.14
N PHE A 84 22.21 -16.43 12.50
CA PHE A 84 23.58 -16.25 12.95
C PHE A 84 23.72 -14.85 13.55
N HIS A 85 24.85 -14.57 14.17
CA HIS A 85 25.09 -13.23 14.71
C HIS A 85 25.75 -12.38 13.63
N PRO A 86 25.28 -11.16 13.46
CA PRO A 86 25.82 -10.24 12.47
C PRO A 86 27.33 -10.28 12.41
N ASP A 87 27.99 -10.19 13.55
CA ASP A 87 29.46 -10.20 13.56
C ASP A 87 29.98 -11.49 14.15
N PHE A 88 29.79 -12.57 13.38
CA PHE A 88 30.17 -13.91 13.77
C PHE A 88 31.64 -14.01 14.12
N LYS A 89 32.50 -13.45 13.28
CA LYS A 89 33.93 -13.45 13.51
C LYS A 89 34.26 -13.11 14.95
N ASN A 90 33.56 -12.11 15.48
CA ASN A 90 33.79 -11.65 16.85
C ASN A 90 32.79 -12.23 17.84
N ASN A 91 31.58 -12.55 17.41
CA ASN A 91 30.57 -13.13 18.27
C ASN A 91 29.96 -14.36 17.59
N PRO A 92 30.60 -15.51 17.79
CA PRO A 92 30.17 -16.76 17.17
C PRO A 92 28.97 -17.39 17.86
N TYR A 93 27.80 -16.81 17.65
CA TYR A 93 26.57 -17.32 18.25
C TYR A 93 25.53 -17.65 17.19
N ILE A 94 24.73 -18.67 17.48
CA ILE A 94 23.65 -19.09 16.59
C ILE A 94 22.35 -19.04 17.38
N TYR A 95 21.31 -18.49 16.76
CA TYR A 95 20.02 -18.36 17.44
C TYR A 95 18.98 -19.27 16.79
N ILE A 96 18.21 -19.93 17.65
CA ILE A 96 17.18 -20.84 17.21
C ILE A 96 15.93 -20.68 18.07
N SER A 97 14.88 -21.34 17.62
CA SER A 97 13.63 -21.43 18.35
C SER A 97 13.10 -22.84 18.06
N GLY A 98 12.56 -23.51 19.07
CA GLY A 98 12.10 -24.87 18.82
C GLY A 98 10.96 -25.27 19.74
N THR A 99 10.28 -26.35 19.36
CA THR A 99 9.20 -26.91 20.14
C THR A 99 9.76 -27.89 21.16
N PHE A 100 9.65 -27.54 22.44
CA PHE A 100 10.13 -28.41 23.51
C PHE A 100 8.97 -28.70 24.46
N LYS A 101 8.98 -29.89 25.07
CA LYS A 101 7.88 -30.21 25.98
C LYS A 101 7.88 -29.21 27.14
N ASN A 102 6.71 -28.96 27.70
CA ASN A 102 6.60 -28.04 28.83
C ASN A 102 6.19 -28.82 30.08
N PRO A 103 7.16 -29.09 30.94
CA PRO A 103 6.94 -29.82 32.18
C PRO A 103 5.61 -29.46 32.82
N LYS A 104 5.17 -28.22 32.60
CA LYS A 104 3.90 -27.74 33.09
C LYS A 104 3.15 -26.97 32.01
N PRO A 111 0.66 -28.86 25.71
CA PRO A 111 1.64 -29.85 26.14
C PRO A 111 3.06 -29.42 25.85
N ASN A 112 3.23 -28.46 24.95
CA ASN A 112 4.56 -27.98 24.59
C ASN A 112 4.70 -26.47 24.77
N GLN A 113 5.95 -26.03 24.74
CA GLN A 113 6.30 -24.63 24.82
C GLN A 113 7.20 -24.31 23.62
N THR A 114 7.47 -23.03 23.39
CA THR A 114 8.38 -22.65 22.32
C THR A 114 9.54 -21.88 22.97
N ILE A 115 10.77 -22.29 22.67
CA ILE A 115 11.92 -21.64 23.30
C ILE A 115 12.87 -21.05 22.26
N ILE A 116 13.23 -19.79 22.49
CA ILE A 116 14.23 -19.12 21.66
C ILE A 116 15.57 -19.31 22.36
N ARG A 117 16.48 -20.05 21.74
CA ARG A 117 17.74 -20.38 22.39
C ARG A 117 18.98 -19.97 21.61
N ARG A 118 19.98 -19.51 22.35
CA ARG A 118 21.25 -19.10 21.77
C ARG A 118 22.30 -20.19 21.97
N TYR A 119 22.97 -20.57 20.89
CA TYR A 119 24.05 -21.54 20.97
C TYR A 119 25.38 -20.85 20.73
N THR A 120 26.42 -21.40 21.33
CA THR A 120 27.76 -20.83 21.22
C THR A 120 28.62 -21.69 20.32
N TYR A 121 29.04 -21.14 19.18
CA TYR A 121 29.80 -21.90 18.19
C TYR A 121 31.27 -22.04 18.54
N ASN A 122 31.71 -23.30 18.57
CA ASN A 122 33.11 -23.62 18.80
C ASN A 122 33.73 -24.05 17.47
N LYS A 123 34.58 -23.20 16.91
CA LYS A 123 35.25 -23.50 15.65
C LYS A 123 36.16 -24.70 15.80
N SER A 124 36.88 -24.73 16.92
CA SER A 124 37.82 -25.81 17.19
C SER A 124 37.17 -27.18 17.11
N THR A 125 36.03 -27.36 17.77
CA THR A 125 35.35 -28.64 17.75
C THR A 125 34.24 -28.68 16.70
N ASP A 126 33.94 -27.51 16.15
CA ASP A 126 32.94 -27.34 15.10
C ASP A 126 31.57 -27.81 15.55
N THR A 127 31.21 -27.43 16.77
CA THR A 127 29.89 -27.79 17.29
C THR A 127 29.34 -26.69 18.19
N LEU A 128 28.07 -26.85 18.56
CA LEU A 128 27.36 -25.89 19.38
C LEU A 128 27.44 -26.24 20.86
N GLU A 129 27.80 -25.25 21.67
CA GLU A 129 27.98 -25.43 23.10
C GLU A 129 27.39 -24.27 23.90
N LYS A 130 27.57 -24.33 25.22
CA LYS A 130 27.16 -23.29 26.14
C LYS A 130 25.78 -22.71 25.85
N PRO A 131 24.75 -23.53 25.93
CA PRO A 131 23.39 -23.11 25.66
C PRO A 131 22.76 -22.19 26.70
N VAL A 132 22.12 -21.12 26.22
CA VAL A 132 21.41 -20.19 27.09
C VAL A 132 19.99 -19.97 26.52
N ASP A 133 18.99 -20.23 27.36
CA ASP A 133 17.61 -19.97 26.94
C ASP A 133 17.38 -18.46 26.92
N LEU A 134 17.04 -17.92 25.75
CA LEU A 134 16.78 -16.48 25.69
C LEU A 134 15.36 -16.18 26.14
N LEU A 135 14.40 -16.95 25.66
CA LEU A 135 13.01 -16.79 26.08
C LEU A 135 12.22 -18.09 25.91
N ALA A 136 11.57 -18.52 26.98
CA ALA A 136 10.80 -19.75 26.95
C ALA A 136 9.36 -19.54 27.45
N GLY A 137 8.55 -20.58 27.37
CA GLY A 137 7.18 -20.52 27.82
C GLY A 137 6.28 -19.97 26.70
N LEU A 138 6.84 -19.82 25.52
CA LEU A 138 6.08 -19.32 24.37
C LEU A 138 5.11 -20.38 23.88
N PRO A 139 4.03 -19.95 23.23
CA PRO A 139 2.99 -20.82 22.74
C PRO A 139 3.44 -21.85 21.72
N SER A 140 2.80 -23.02 21.75
CA SER A 140 3.11 -24.10 20.81
C SER A 140 1.86 -24.90 20.48
N SER A 141 1.79 -25.32 19.22
CA SER A 141 0.72 -26.15 18.72
C SER A 141 1.22 -26.81 17.43
N LYS A 142 0.36 -27.50 16.71
CA LYS A 142 0.78 -28.15 15.48
C LYS A 142 0.57 -27.23 14.27
N ASP A 143 -0.06 -26.09 14.50
CA ASP A 143 -0.39 -25.20 13.39
C ASP A 143 0.23 -23.81 13.45
N HIS A 144 0.47 -23.30 12.25
CA HIS A 144 0.96 -21.94 12.07
C HIS A 144 1.88 -21.50 13.19
N GLN A 145 3.09 -22.06 13.27
CA GLN A 145 4.02 -21.67 14.34
C GLN A 145 4.89 -20.51 13.87
N SER A 146 5.03 -20.39 12.56
CA SER A 146 5.84 -19.35 11.93
C SER A 146 7.31 -19.57 12.25
N GLY A 147 7.83 -18.91 13.27
CA GLY A 147 9.18 -19.09 13.73
C GLY A 147 10.33 -18.49 12.98
N ARG A 148 10.11 -17.51 12.09
CA ARG A 148 11.26 -16.92 11.41
C ARG A 148 12.02 -16.06 12.42
N LEU A 149 13.33 -16.29 12.51
CA LEU A 149 14.15 -15.57 13.48
C LEU A 149 15.32 -14.87 12.80
N VAL A 150 15.29 -13.54 12.81
CA VAL A 150 16.37 -12.77 12.20
C VAL A 150 16.84 -11.68 13.16
N ILE A 151 18.11 -11.31 13.05
CA ILE A 151 18.65 -10.23 13.87
C ILE A 151 18.67 -8.96 13.00
N GLY A 152 18.16 -7.86 13.53
CA GLY A 152 18.05 -6.63 12.75
C GLY A 152 19.24 -5.70 12.87
N PRO A 153 19.24 -4.65 12.06
CA PRO A 153 20.29 -3.64 12.06
C PRO A 153 20.46 -3.00 13.43
N ASP A 154 19.43 -3.14 14.25
CA ASP A 154 19.44 -2.61 15.62
C ASP A 154 19.94 -3.65 16.60
N GLN A 155 20.38 -4.80 16.08
CA GLN A 155 20.91 -5.89 16.87
C GLN A 155 19.84 -6.63 17.66
N LYS A 156 18.57 -6.39 17.32
CA LYS A 156 17.48 -7.04 18.02
C LYS A 156 17.08 -8.33 17.34
N ILE A 157 16.62 -9.28 18.16
CA ILE A 157 16.10 -10.53 17.60
C ILE A 157 14.66 -10.26 17.15
N TYR A 158 14.41 -10.52 15.87
CA TYR A 158 13.06 -10.37 15.34
C TYR A 158 12.52 -11.77 15.07
N TYR A 159 11.42 -12.07 15.76
CA TYR A 159 10.85 -13.41 15.69
C TYR A 159 9.37 -13.41 15.40
N THR A 160 8.96 -14.23 14.43
CA THR A 160 7.55 -14.33 14.09
C THR A 160 6.94 -15.57 14.75
N ILE A 161 5.87 -15.34 15.51
CA ILE A 161 5.18 -16.45 16.17
C ILE A 161 3.73 -16.45 15.72
N GLY A 162 3.39 -17.47 14.93
CA GLY A 162 2.07 -17.63 14.35
C GLY A 162 0.94 -17.59 15.37
N ASP A 163 -0.28 -17.72 14.86
CA ASP A 163 -1.46 -17.69 15.71
C ASP A 163 -1.87 -19.07 16.19
N GLN A 164 -0.94 -20.02 16.10
CA GLN A 164 -1.17 -21.37 16.60
C GLN A 164 -2.30 -22.10 15.91
N GLY A 165 -2.83 -21.54 14.82
CA GLY A 165 -3.86 -22.17 14.03
C GLY A 165 -5.26 -22.09 14.62
N ARG A 166 -5.47 -21.20 15.58
CA ARG A 166 -6.77 -21.02 16.20
C ARG A 166 -7.82 -20.49 15.23
N ASN A 167 -9.04 -20.96 15.40
CA ASN A 167 -10.18 -20.59 14.58
C ASN A 167 -10.16 -21.28 13.23
N GLN A 168 -9.68 -22.52 13.22
CA GLN A 168 -9.63 -23.33 12.01
C GLN A 168 -9.07 -24.72 12.33
N LEU A 169 -9.55 -25.71 11.61
CA LEU A 169 -9.13 -27.10 11.77
C LEU A 169 -9.02 -27.53 13.22
N ALA A 170 -8.08 -28.38 13.57
CA ALA A 170 -7.95 -28.90 14.93
C ALA A 170 -8.25 -27.88 16.02
N TYR A 171 -7.95 -26.61 15.79
CA TYR A 171 -8.13 -25.59 16.81
C TYR A 171 -9.24 -24.59 16.48
N LEU A 172 -10.27 -25.08 15.80
CA LEU A 172 -11.40 -24.28 15.37
C LEU A 172 -12.04 -23.43 16.47
N PHE A 173 -12.30 -24.01 17.63
CA PHE A 173 -13.01 -23.30 18.68
C PHE A 173 -12.12 -22.61 19.69
N LEU A 174 -10.83 -22.52 19.43
CA LEU A 174 -9.93 -21.75 20.31
C LEU A 174 -9.97 -20.29 19.87
N PRO A 175 -10.15 -19.38 20.81
CA PRO A 175 -10.22 -17.96 20.53
C PRO A 175 -8.89 -17.40 20.06
N ASN A 176 -8.84 -17.01 18.78
CA ASN A 176 -7.63 -16.45 18.21
C ASN A 176 -7.12 -15.28 19.05
N GLN A 177 -5.81 -15.22 19.25
CA GLN A 177 -5.25 -14.15 20.07
C GLN A 177 -4.26 -13.28 19.31
N ALA A 178 -4.35 -13.25 17.99
CA ALA A 178 -3.47 -12.39 17.18
C ALA A 178 -3.63 -10.94 17.62
N GLN A 179 -4.83 -10.58 18.06
CA GLN A 179 -5.12 -9.22 18.49
C GLN A 179 -4.81 -8.99 19.96
N HIS A 180 -4.53 -10.07 20.71
CA HIS A 180 -4.35 -9.92 22.14
C HIS A 180 -2.92 -9.58 22.56
N THR A 181 -2.90 -8.69 23.55
CA THR A 181 -1.70 -8.14 24.16
C THR A 181 -1.67 -8.49 25.64
N PRO A 182 -0.47 -8.69 26.17
CA PRO A 182 -0.26 -9.08 27.54
C PRO A 182 -0.48 -7.98 28.57
N THR A 183 -0.75 -8.43 29.80
CA THR A 183 -0.94 -7.52 30.92
C THR A 183 0.39 -7.37 31.67
N GLN A 184 0.53 -6.27 32.39
CA GLN A 184 1.77 -6.06 33.16
C GLN A 184 1.88 -7.20 34.18
N GLN A 185 0.73 -7.60 34.71
CA GLN A 185 0.66 -8.70 35.67
C GLN A 185 1.04 -10.03 35.03
N GLU A 186 0.54 -10.31 33.83
CA GLU A 186 0.89 -11.58 33.18
C GLU A 186 2.37 -11.55 32.78
N LEU A 187 2.73 -10.47 32.08
CA LEU A 187 4.11 -10.36 31.62
C LEU A 187 5.06 -10.48 32.81
N ASN A 188 4.62 -10.02 33.97
CA ASN A 188 5.45 -10.11 35.16
C ASN A 188 5.59 -11.57 35.60
N GLY A 189 4.61 -12.40 35.26
CA GLY A 189 4.65 -13.82 35.61
C GLY A 189 5.09 -14.67 34.41
N LYS A 190 5.77 -14.03 33.47
CA LYS A 190 6.25 -14.71 32.27
C LYS A 190 5.12 -15.48 31.59
N ASP A 191 3.94 -14.85 31.58
CA ASP A 191 2.76 -15.44 30.92
C ASP A 191 2.67 -14.89 29.50
N TYR A 192 3.28 -15.61 28.57
CA TYR A 192 3.32 -15.17 27.18
C TYR A 192 2.20 -15.76 26.34
N HIS A 193 1.05 -15.98 26.97
CA HIS A 193 -0.11 -16.55 26.28
C HIS A 193 -0.61 -15.63 25.17
N THR A 194 -0.25 -14.35 25.23
CA THR A 194 -0.65 -13.38 24.22
C THR A 194 0.26 -13.39 23.01
N TYR A 195 1.41 -14.03 23.14
CA TYR A 195 2.43 -14.06 22.09
C TYR A 195 2.02 -14.99 20.96
N MET A 196 0.83 -14.74 20.42
CA MET A 196 0.30 -15.49 19.29
C MET A 196 -0.03 -14.51 18.15
N GLY A 197 0.47 -14.79 16.95
CA GLY A 197 0.21 -13.92 15.82
C GLY A 197 0.90 -12.57 16.04
N LYS A 198 2.19 -12.66 16.35
CA LYS A 198 2.99 -11.48 16.64
C LYS A 198 4.38 -11.57 15.99
N VAL A 199 4.97 -10.40 15.79
CA VAL A 199 6.36 -10.29 15.41
C VAL A 199 7.05 -9.81 16.69
N LEU A 200 7.77 -10.71 17.35
CA LEU A 200 8.45 -10.32 18.58
C LEU A 200 9.76 -9.62 18.24
N ARG A 201 10.19 -8.74 19.13
CA ARG A 201 11.46 -8.04 18.98
C ARG A 201 12.15 -8.06 20.33
N LEU A 202 13.27 -8.77 20.42
CA LEU A 202 13.94 -8.92 21.70
C LEU A 202 15.43 -8.63 21.67
N ASN A 203 15.91 -8.24 22.86
CA ASN A 203 17.34 -8.02 23.08
C ASN A 203 18.04 -9.36 22.92
N LEU A 204 19.36 -9.35 22.85
CA LEU A 204 20.11 -10.59 22.68
C LEU A 204 20.14 -11.44 23.94
N ASP A 205 19.48 -10.99 25.00
CA ASP A 205 19.42 -11.76 26.25
C ASP A 205 17.98 -12.18 26.55
N GLY A 206 17.13 -12.06 25.53
CA GLY A 206 15.73 -12.43 25.64
C GLY A 206 14.87 -11.42 26.38
N SER A 207 15.47 -10.35 26.88
CA SER A 207 14.69 -9.35 27.61
C SER A 207 13.98 -8.39 26.67
N ILE A 208 13.06 -7.61 27.23
CA ILE A 208 12.26 -6.65 26.50
C ILE A 208 13.01 -5.35 26.22
N PRO A 209 13.21 -5.04 24.94
CA PRO A 209 13.86 -3.79 24.56
C PRO A 209 13.10 -2.63 25.18
N LYS A 210 13.81 -1.67 25.75
CA LYS A 210 13.14 -0.55 26.41
C LYS A 210 12.42 0.33 25.40
N ASP A 211 12.81 0.25 24.13
CA ASP A 211 12.19 1.08 23.11
C ASP A 211 11.20 0.30 22.25
N ASN A 212 10.57 -0.71 22.85
CA ASN A 212 9.55 -1.48 22.15
C ASN A 212 8.21 -0.76 22.20
N PRO A 213 7.34 -1.05 21.25
CA PRO A 213 6.02 -0.44 21.18
C PRO A 213 5.17 -0.77 22.40
N SER A 214 4.26 0.14 22.75
CA SER A 214 3.39 -0.07 23.89
C SER A 214 2.01 -0.54 23.46
N PHE A 215 1.46 -1.48 24.22
CA PHE A 215 0.13 -2.01 23.93
C PHE A 215 -0.66 -2.17 25.23
N ASN A 216 -1.70 -1.34 25.33
CA ASN A 216 -2.57 -1.27 26.51
C ASN A 216 -1.76 -0.78 27.70
N GLY A 217 -0.99 0.25 27.38
CA GLY A 217 -0.10 0.91 28.31
C GLY A 217 1.01 -0.04 28.75
N VAL A 218 1.29 -1.06 27.95
CA VAL A 218 2.32 -2.03 28.33
C VAL A 218 3.33 -2.33 27.23
N VAL A 219 4.61 -2.25 27.59
CA VAL A 219 5.69 -2.60 26.66
C VAL A 219 6.12 -4.05 26.92
N SER A 220 6.06 -4.84 25.86
CA SER A 220 6.46 -6.25 25.95
C SER A 220 7.40 -6.58 24.80
N HIS A 221 7.58 -7.87 24.53
CA HIS A 221 8.43 -8.31 23.44
C HIS A 221 7.73 -8.13 22.09
N ILE A 222 6.45 -7.79 22.12
CA ILE A 222 5.69 -7.61 20.88
C ILE A 222 6.19 -6.39 20.11
N TYR A 223 6.44 -6.58 18.82
CA TYR A 223 6.86 -5.50 17.94
C TYR A 223 5.65 -5.05 17.12
N THR A 224 4.95 -6.03 16.57
CA THR A 224 3.74 -5.83 15.80
C THR A 224 2.75 -6.95 16.09
N LEU A 225 1.48 -6.74 15.78
CA LEU A 225 0.46 -7.74 16.06
C LEU A 225 -0.50 -7.95 14.89
N GLY A 226 -1.44 -8.87 15.06
CA GLY A 226 -2.44 -9.15 14.05
C GLY A 226 -1.90 -9.97 12.89
N HIS A 227 -1.20 -11.05 13.19
CA HIS A 227 -0.67 -11.92 12.14
C HIS A 227 -1.26 -13.32 12.26
N ARG A 228 -1.34 -14.00 11.12
CA ARG A 228 -1.84 -15.37 11.09
C ARG A 228 -0.64 -16.32 11.13
N ASN A 229 -0.06 -16.58 9.97
CA ASN A 229 1.13 -17.41 9.89
C ASN A 229 2.22 -16.73 9.06
N PRO A 230 2.91 -15.78 9.66
CA PRO A 230 3.98 -15.04 9.02
C PRO A 230 5.29 -15.81 8.98
N GLN A 231 5.48 -16.61 7.94
CA GLN A 231 6.66 -17.43 7.80
C GLN A 231 7.82 -16.71 7.14
N GLY A 232 7.53 -15.58 6.48
CA GLY A 232 8.56 -14.80 5.82
C GLY A 232 8.97 -13.58 6.64
N LEU A 233 10.27 -13.35 6.74
CA LEU A 233 10.79 -12.21 7.48
C LEU A 233 12.21 -11.92 7.02
N ALA A 234 12.41 -10.77 6.37
CA ALA A 234 13.71 -10.41 5.84
C ALA A 234 13.89 -8.90 5.76
N PHE A 235 15.04 -8.43 6.21
CA PHE A 235 15.35 -7.01 6.17
C PHE A 235 15.91 -6.61 4.80
N THR A 236 15.69 -5.36 4.42
CA THR A 236 16.18 -4.85 3.15
C THR A 236 17.47 -4.08 3.39
N PRO A 237 18.25 -3.86 2.35
CA PRO A 237 19.51 -3.15 2.46
C PRO A 237 19.36 -1.77 3.09
N ASN A 238 18.15 -1.24 3.15
CA ASN A 238 17.97 0.09 3.74
C ASN A 238 17.25 0.04 5.09
N GLY A 239 17.25 -1.12 5.73
CA GLY A 239 16.70 -1.29 7.05
C GLY A 239 15.22 -1.52 7.19
N LYS A 240 14.48 -1.66 6.09
CA LYS A 240 13.04 -1.90 6.21
C LYS A 240 12.80 -3.39 6.43
N LEU A 241 11.65 -3.75 7.02
CA LEU A 241 11.38 -5.15 7.29
C LEU A 241 10.24 -5.71 6.44
N LEU A 242 10.60 -6.44 5.39
CA LEU A 242 9.59 -7.06 4.54
C LEU A 242 9.17 -8.38 5.19
N GLN A 243 7.97 -8.84 4.85
CA GLN A 243 7.43 -10.06 5.47
C GLN A 243 6.45 -10.74 4.55
N SER A 244 6.35 -12.06 4.65
CA SER A 244 5.36 -12.81 3.89
C SER A 244 4.51 -13.58 4.92
N GLU A 245 3.22 -13.70 4.63
CA GLU A 245 2.31 -14.32 5.58
C GLU A 245 1.23 -15.13 4.89
N GLN A 246 0.77 -16.17 5.58
CA GLN A 246 -0.29 -17.02 5.05
C GLN A 246 -1.66 -16.56 5.53
N GLY A 247 -2.54 -16.24 4.59
CA GLY A 247 -3.91 -15.84 4.94
C GLY A 247 -4.79 -17.09 4.95
N PRO A 248 -6.07 -16.93 5.19
CA PRO A 248 -7.02 -18.04 5.23
C PRO A 248 -7.25 -18.67 3.88
N ASN A 249 -8.48 -18.62 3.35
CA ASN A 249 -8.73 -19.14 2.00
C ASN A 249 -8.25 -18.07 1.00
N SER A 250 -7.76 -16.98 1.56
CA SER A 250 -7.32 -15.88 0.72
C SER A 250 -6.33 -14.96 1.42
N ASP A 251 -5.94 -13.94 0.67
CA ASP A 251 -5.09 -12.87 1.14
C ASP A 251 -3.78 -13.29 1.80
N ASP A 252 -2.98 -14.07 1.08
CA ASP A 252 -1.61 -14.30 1.54
C ASP A 252 -0.96 -12.91 1.39
N GLU A 253 -0.07 -12.51 2.29
CA GLU A 253 0.43 -11.15 2.20
C GLU A 253 1.94 -10.97 2.16
N ILE A 254 2.29 -9.81 1.63
CA ILE A 254 3.64 -9.27 1.62
C ILE A 254 3.50 -7.97 2.43
N ASN A 255 3.99 -7.98 3.66
CA ASN A 255 3.82 -6.82 4.52
C ASN A 255 5.13 -6.11 4.83
N LEU A 256 5.00 -4.81 5.08
CA LEU A 256 6.12 -3.98 5.51
C LEU A 256 5.95 -3.82 7.02
N ILE A 257 6.76 -4.51 7.79
CA ILE A 257 6.64 -4.52 9.24
C ILE A 257 7.04 -3.16 9.83
N VAL A 258 6.16 -2.57 10.62
CA VAL A 258 6.47 -1.28 11.23
C VAL A 258 6.09 -1.28 12.71
N LYS A 259 6.98 -0.76 13.54
CA LYS A 259 6.80 -0.71 14.98
C LYS A 259 5.39 -0.36 15.42
N GLY A 260 4.81 -1.21 16.26
CA GLY A 260 3.49 -1.00 16.82
C GLY A 260 2.37 -1.20 15.81
N GLY A 261 2.72 -1.63 14.60
CA GLY A 261 1.75 -1.84 13.55
C GLY A 261 0.84 -3.04 13.84
N ASN A 262 -0.46 -2.81 13.69
CA ASN A 262 -1.45 -3.87 13.85
C ASN A 262 -1.81 -4.38 12.46
N TYR A 263 -1.58 -5.67 12.21
CA TYR A 263 -1.79 -6.21 10.87
C TYR A 263 -3.12 -6.89 10.65
N GLY A 264 -4.12 -6.58 11.47
CA GLY A 264 -5.48 -6.97 11.30
C GLY A 264 -6.02 -8.35 11.55
N TRP A 265 -5.21 -9.40 11.48
CA TRP A 265 -5.71 -10.76 11.71
C TRP A 265 -6.14 -10.94 13.15
N PRO A 266 -7.26 -11.60 13.38
CA PRO A 266 -8.06 -12.22 12.35
C PRO A 266 -9.24 -11.44 11.81
N ASN A 267 -9.39 -10.18 12.22
CA ASN A 267 -10.54 -9.38 11.78
C ASN A 267 -10.43 -9.00 10.31
N VAL A 268 -9.19 -8.91 9.81
CA VAL A 268 -8.96 -8.54 8.43
C VAL A 268 -7.92 -9.41 7.75
N ALA A 269 -8.32 -9.99 6.63
CA ALA A 269 -7.41 -10.76 5.79
C ALA A 269 -7.08 -9.92 4.56
N GLY A 270 -5.85 -9.46 4.44
CA GLY A 270 -5.46 -8.61 3.31
C GLY A 270 -5.91 -7.17 3.54
N TYR A 271 -6.43 -6.54 2.49
CA TYR A 271 -6.94 -5.18 2.60
C TYR A 271 -8.22 -5.18 3.43
N LYS A 272 -8.57 -4.04 4.02
CA LYS A 272 -9.85 -3.95 4.73
C LYS A 272 -10.89 -3.57 3.68
N ASP A 273 -11.34 -4.57 2.94
CA ASP A 273 -12.24 -4.35 1.82
C ASP A 273 -13.51 -5.18 1.85
N ASP A 274 -13.69 -6.00 2.88
CA ASP A 274 -14.85 -6.89 2.97
C ASP A 274 -15.01 -7.68 1.67
N SER A 275 -13.89 -8.07 1.06
CA SER A 275 -13.94 -8.77 -0.21
C SER A 275 -13.39 -10.19 -0.14
N GLY A 276 -14.28 -11.17 -0.10
CA GLY A 276 -13.89 -12.57 -0.10
C GLY A 276 -13.57 -13.16 1.25
N TYR A 277 -13.64 -12.36 2.32
CA TYR A 277 -13.37 -12.85 3.66
C TYR A 277 -14.16 -12.06 4.71
N ALA A 278 -14.65 -12.80 5.70
CA ALA A 278 -15.32 -12.21 6.85
C ALA A 278 -14.83 -12.96 8.08
N TYR A 279 -14.74 -12.29 9.23
CA TYR A 279 -14.24 -12.96 10.42
C TYR A 279 -15.34 -13.73 11.15
N ALA A 280 -15.38 -15.04 10.91
CA ALA A 280 -16.33 -15.91 11.60
C ALA A 280 -15.65 -16.48 12.85
N ASN A 281 -16.02 -15.96 14.01
CA ASN A 281 -15.42 -16.38 15.26
C ASN A 281 -16.09 -17.63 15.82
N TYR A 282 -15.49 -18.78 15.57
CA TYR A 282 -16.07 -20.04 16.01
C TYR A 282 -15.93 -20.25 17.51
N SER A 283 -15.04 -19.50 18.16
CA SER A 283 -14.84 -19.62 19.60
C SER A 283 -15.96 -18.93 20.37
N ALA A 284 -16.85 -18.26 19.63
CA ALA A 284 -17.97 -17.56 20.24
C ALA A 284 -19.30 -18.17 19.78
N ALA A 285 -19.20 -19.22 18.98
CA ALA A 285 -20.39 -19.92 18.50
C ALA A 285 -21.13 -20.54 19.69
N ALA A 286 -22.46 -20.49 19.65
CA ALA A 286 -23.26 -21.03 20.73
C ALA A 286 -22.84 -22.44 21.10
N ASN A 287 -23.31 -23.42 20.34
CA ASN A 287 -22.93 -24.82 20.56
C ASN A 287 -21.72 -25.14 19.67
N LYS A 288 -20.66 -25.65 20.27
CA LYS A 288 -19.44 -25.93 19.53
C LYS A 288 -19.56 -27.13 18.61
N SER A 289 -20.76 -27.45 18.15
CA SER A 289 -20.95 -28.59 17.25
C SER A 289 -21.03 -28.12 15.80
N ILE A 290 -21.14 -26.80 15.65
CA ILE A 290 -21.30 -26.19 14.33
C ILE A 290 -20.12 -26.47 13.43
N LYS A 291 -20.42 -26.78 12.18
CA LYS A 291 -19.41 -27.13 11.18
C LYS A 291 -18.89 -25.91 10.42
N ASP A 292 -17.57 -25.84 10.27
CA ASP A 292 -16.95 -24.75 9.52
C ASP A 292 -17.08 -25.07 8.03
N LEU A 293 -17.90 -24.29 7.32
CA LEU A 293 -18.16 -24.52 5.91
C LEU A 293 -16.95 -24.25 5.01
N ALA A 294 -15.86 -23.75 5.57
CA ALA A 294 -14.64 -23.50 4.82
C ALA A 294 -14.88 -22.63 3.58
N GLN A 295 -15.70 -21.61 3.74
CA GLN A 295 -16.00 -20.67 2.66
C GLN A 295 -15.42 -19.30 2.96
N ASN A 296 -14.47 -19.27 3.88
CA ASN A 296 -13.73 -18.08 4.27
C ASN A 296 -14.55 -17.03 5.01
N GLY A 297 -15.65 -17.44 5.63
CA GLY A 297 -16.48 -16.53 6.41
C GLY A 297 -17.53 -15.81 5.57
N VAL A 298 -17.47 -16.00 4.26
CA VAL A 298 -18.40 -15.37 3.33
C VAL A 298 -19.76 -16.07 3.40
N LYS A 299 -19.71 -17.37 3.66
CA LYS A 299 -20.89 -18.21 3.77
C LYS A 299 -20.69 -19.10 5.00
N VAL A 300 -21.41 -18.78 6.08
CA VAL A 300 -21.24 -19.49 7.33
C VAL A 300 -22.49 -20.22 7.81
N ALA A 301 -22.25 -21.19 8.69
CA ALA A 301 -23.33 -21.95 9.31
C ALA A 301 -23.92 -21.12 10.45
N ALA A 302 -25.22 -21.25 10.66
CA ALA A 302 -25.91 -20.52 11.71
C ALA A 302 -25.29 -20.83 13.08
N GLY A 303 -25.14 -19.81 13.91
CA GLY A 303 -24.60 -19.98 15.24
C GLY A 303 -23.21 -19.38 15.43
N VAL A 304 -22.57 -18.95 14.35
CA VAL A 304 -21.23 -18.37 14.45
C VAL A 304 -21.23 -16.88 14.19
N PRO A 305 -20.79 -16.11 15.17
CA PRO A 305 -20.71 -14.66 15.06
C PRO A 305 -19.76 -14.22 13.96
N VAL A 306 -20.29 -13.57 12.93
CA VAL A 306 -19.49 -13.09 11.81
C VAL A 306 -19.30 -11.58 11.88
N THR A 307 -18.05 -11.15 11.74
CA THR A 307 -17.71 -9.74 11.74
C THR A 307 -17.06 -9.33 10.41
N LYS A 308 -17.64 -8.32 9.77
CA LYS A 308 -17.03 -7.78 8.55
C LYS A 308 -15.72 -7.10 8.97
N GLU A 309 -14.74 -7.03 8.08
CA GLU A 309 -13.48 -6.37 8.43
C GLU A 309 -13.74 -4.88 8.67
N SER A 310 -14.70 -4.38 7.90
CA SER A 310 -15.12 -2.98 7.99
C SER A 310 -15.84 -2.73 9.31
N GLU A 311 -16.29 -3.80 9.95
CA GLU A 311 -17.01 -3.67 11.22
C GLU A 311 -16.05 -3.76 12.40
N TRP A 312 -14.79 -4.04 12.11
CA TRP A 312 -13.76 -4.13 13.14
C TRP A 312 -13.44 -2.76 13.72
N THR A 313 -13.30 -2.70 15.04
CA THR A 313 -12.99 -1.44 15.71
C THR A 313 -11.55 -1.44 16.21
N GLY A 314 -10.62 -1.76 15.29
CA GLY A 314 -9.21 -1.82 15.61
C GLY A 314 -8.47 -0.51 15.50
N LYS A 315 -7.18 -0.56 15.85
CA LYS A 315 -6.30 0.59 15.83
C LYS A 315 -4.94 0.24 15.21
N ASN A 316 -4.37 1.19 14.48
CA ASN A 316 -3.07 1.04 13.86
C ASN A 316 -3.03 -0.05 12.80
N PHE A 317 -4.14 -0.24 12.09
CA PHE A 317 -4.17 -1.27 11.05
C PHE A 317 -3.25 -0.89 9.89
N VAL A 318 -2.37 -1.82 9.55
CA VAL A 318 -1.44 -1.66 8.44
C VAL A 318 -1.77 -2.71 7.39
N PRO A 319 -2.10 -2.26 6.19
CA PRO A 319 -2.44 -3.14 5.09
C PRO A 319 -1.22 -3.75 4.42
N PRO A 320 -1.43 -4.80 3.64
CA PRO A 320 -0.36 -5.45 2.91
C PRO A 320 0.06 -4.62 1.70
N LEU A 321 1.29 -4.83 1.24
CA LEU A 321 1.77 -4.16 0.04
C LEU A 321 1.19 -4.89 -1.18
N LYS A 322 0.88 -6.16 -0.96
CA LYS A 322 0.35 -7.03 -2.01
C LYS A 322 -0.35 -8.23 -1.40
N THR A 323 -1.37 -8.74 -2.09
CA THR A 323 -2.10 -9.91 -1.63
C THR A 323 -2.13 -10.99 -2.70
N LEU A 324 -1.93 -12.24 -2.29
CA LEU A 324 -2.01 -13.37 -3.21
C LEU A 324 -3.01 -14.38 -2.63
N TYR A 325 -4.28 -14.22 -2.90
CA TYR A 325 -4.87 -13.17 -3.71
C TYR A 325 -6.12 -12.62 -3.04
N THR A 326 -6.64 -11.52 -3.56
CA THR A 326 -7.91 -10.99 -3.07
C THR A 326 -8.96 -11.35 -4.11
N VAL A 327 -10.11 -11.83 -3.65
CA VAL A 327 -11.18 -12.22 -4.56
C VAL A 327 -12.49 -11.58 -4.09
N GLN A 328 -13.53 -11.68 -4.90
CA GLN A 328 -14.82 -11.10 -4.55
C GLN A 328 -15.69 -12.12 -3.86
N ASP A 329 -16.76 -11.66 -3.22
CA ASP A 329 -17.67 -12.56 -2.49
C ASP A 329 -18.27 -13.65 -3.38
N THR A 330 -18.32 -13.40 -4.68
CA THR A 330 -18.88 -14.39 -5.60
C THR A 330 -17.87 -15.49 -5.93
N TYR A 331 -16.65 -15.36 -5.43
CA TYR A 331 -15.61 -16.35 -5.71
C TYR A 331 -16.00 -17.70 -5.13
N ASN A 332 -15.78 -18.75 -5.92
CA ASN A 332 -16.11 -20.12 -5.53
C ASN A 332 -14.96 -20.79 -4.79
N TYR A 333 -15.12 -21.01 -3.50
CA TYR A 333 -14.08 -21.65 -2.70
C TYR A 333 -14.03 -23.16 -2.82
N ASN A 334 -14.94 -23.74 -3.58
CA ASN A 334 -14.95 -25.19 -3.80
C ASN A 334 -14.69 -25.48 -5.28
N ASP A 335 -13.42 -25.48 -5.66
CA ASP A 335 -13.06 -25.71 -7.06
C ASP A 335 -12.86 -27.19 -7.35
N PRO A 336 -13.66 -27.72 -8.26
CA PRO A 336 -13.61 -29.12 -8.65
C PRO A 336 -12.32 -29.54 -9.31
N THR A 337 -11.52 -28.56 -9.74
CA THR A 337 -10.26 -28.85 -10.42
C THR A 337 -9.26 -29.51 -9.48
N CYS A 338 -9.40 -29.24 -8.19
CA CYS A 338 -8.49 -29.80 -7.19
C CYS A 338 -9.02 -31.09 -6.58
N GLY A 339 -9.63 -31.93 -7.41
CA GLY A 339 -10.14 -33.22 -6.97
C GLY A 339 -10.75 -33.13 -5.57
N GLU A 340 -10.07 -33.68 -4.58
CA GLU A 340 -10.58 -33.65 -3.21
C GLU A 340 -9.92 -32.56 -2.37
N MET A 341 -8.65 -32.34 -2.64
CA MET A 341 -7.85 -31.31 -1.98
C MET A 341 -8.32 -29.93 -2.43
N THR A 342 -9.54 -29.57 -2.09
CA THR A 342 -10.12 -28.32 -2.53
C THR A 342 -9.40 -27.06 -2.07
N TYR A 343 -8.58 -27.14 -1.03
CA TYR A 343 -7.87 -25.97 -0.53
C TYR A 343 -6.75 -25.51 -1.46
N ILE A 344 -6.21 -26.42 -2.25
CA ILE A 344 -5.10 -26.06 -3.16
C ILE A 344 -5.61 -25.13 -4.26
N CYS A 345 -6.92 -25.19 -4.53
CA CYS A 345 -7.50 -24.34 -5.54
C CYS A 345 -8.00 -23.03 -4.95
N TRP A 346 -7.66 -22.78 -3.69
CA TRP A 346 -8.02 -21.54 -3.04
C TRP A 346 -7.12 -20.41 -3.55
N PRO A 347 -7.62 -19.18 -3.53
CA PRO A 347 -6.91 -18.02 -4.02
C PRO A 347 -5.79 -17.57 -3.11
N THR A 348 -4.88 -18.49 -2.87
CA THR A 348 -3.69 -18.27 -2.06
C THR A 348 -2.50 -18.93 -2.78
N VAL A 349 -1.32 -18.80 -2.21
CA VAL A 349 -0.13 -19.39 -2.80
C VAL A 349 0.68 -20.11 -1.74
N ALA A 350 0.35 -19.83 -0.48
CA ALA A 350 1.02 -20.44 0.65
C ALA A 350 2.49 -20.07 0.73
N PRO A 351 2.78 -18.81 1.03
CA PRO A 351 4.14 -18.32 1.17
C PRO A 351 4.83 -18.99 2.35
N SER A 352 5.97 -19.62 2.10
CA SER A 352 6.70 -20.33 3.14
C SER A 352 7.86 -19.51 3.68
N SER A 353 8.21 -18.45 2.97
CA SER A 353 9.32 -17.58 3.38
C SER A 353 9.33 -16.28 2.60
N ALA A 354 10.33 -15.46 2.87
CA ALA A 354 10.51 -14.18 2.19
C ALA A 354 12.01 -13.85 2.17
N TYR A 355 12.59 -13.80 0.98
CA TYR A 355 14.01 -13.50 0.84
C TYR A 355 14.25 -12.26 -0.01
N VAL A 356 15.06 -11.38 0.54
CA VAL A 356 15.41 -10.11 -0.12
C VAL A 356 16.68 -10.27 -0.95
N TYR A 357 16.52 -10.31 -2.27
CA TYR A 357 17.60 -10.48 -3.22
C TYR A 357 18.54 -9.28 -3.29
N LYS A 358 19.78 -9.47 -2.85
CA LYS A 358 20.76 -8.40 -2.80
C LYS A 358 21.68 -8.36 -4.01
N GLY A 359 21.42 -9.17 -5.02
CA GLY A 359 22.21 -9.17 -6.24
C GLY A 359 23.68 -9.49 -6.03
N GLY A 360 24.55 -8.78 -6.73
CA GLY A 360 25.99 -9.00 -6.64
C GLY A 360 26.65 -8.86 -8.01
N LYS A 361 27.95 -9.13 -8.05
CA LYS A 361 28.74 -9.01 -9.27
C LYS A 361 28.29 -9.95 -10.38
N LYS A 362 27.24 -10.72 -10.13
CA LYS A 362 26.69 -11.61 -11.14
C LYS A 362 25.16 -11.54 -11.06
N ALA A 363 24.71 -10.34 -10.71
CA ALA A 363 23.30 -10.02 -10.55
C ALA A 363 22.45 -10.39 -11.75
N ILE A 364 21.40 -11.17 -11.47
CA ILE A 364 20.45 -11.55 -12.52
C ILE A 364 19.83 -10.25 -13.04
N THR A 365 19.76 -10.12 -14.35
CA THR A 365 19.28 -8.89 -14.98
C THR A 365 17.79 -8.63 -14.77
N GLY A 366 17.52 -7.51 -14.10
CA GLY A 366 16.18 -7.03 -13.83
C GLY A 366 15.67 -7.36 -12.45
N TRP A 367 16.49 -8.01 -11.63
CA TRP A 367 16.09 -8.43 -10.30
C TRP A 367 16.53 -7.45 -9.21
N GLU A 368 16.86 -6.23 -9.60
CA GLU A 368 17.25 -5.22 -8.61
C GLU A 368 16.07 -4.94 -7.69
N ASN A 369 16.32 -4.89 -6.38
CA ASN A 369 15.30 -4.57 -5.41
C ASN A 369 14.12 -5.54 -5.43
N THR A 370 14.37 -6.82 -5.67
CA THR A 370 13.30 -7.79 -5.70
C THR A 370 13.19 -8.60 -4.40
N LEU A 371 11.99 -9.09 -4.14
CA LEU A 371 11.70 -9.92 -2.98
C LEU A 371 11.30 -11.31 -3.48
N LEU A 372 12.06 -12.33 -3.08
CA LEU A 372 11.74 -13.70 -3.52
C LEU A 372 10.86 -14.39 -2.49
N VAL A 373 9.71 -14.86 -2.94
CA VAL A 373 8.75 -15.52 -2.07
C VAL A 373 8.39 -16.89 -2.62
N PRO A 374 8.83 -17.93 -1.93
CA PRO A 374 8.58 -19.31 -2.32
C PRO A 374 7.17 -19.74 -1.99
N SER A 375 6.57 -20.53 -2.87
CA SER A 375 5.22 -21.03 -2.69
C SER A 375 5.20 -22.54 -2.48
N LEU A 376 4.58 -22.97 -1.39
CA LEU A 376 4.47 -24.39 -1.07
C LEU A 376 3.53 -25.12 -2.02
N LYS A 377 2.26 -24.74 -1.95
CA LYS A 377 1.17 -25.35 -2.70
C LYS A 377 1.16 -25.11 -4.19
N ARG A 378 1.80 -24.07 -4.69
CA ARG A 378 1.76 -23.77 -6.12
C ARG A 378 3.02 -24.23 -6.86
N GLY A 379 4.04 -24.66 -6.13
CA GLY A 379 5.26 -25.14 -6.74
C GLY A 379 5.99 -24.09 -7.56
N VAL A 380 5.96 -22.85 -7.08
CA VAL A 380 6.66 -21.76 -7.76
C VAL A 380 7.39 -20.89 -6.75
N ILE A 381 8.31 -20.08 -7.25
CA ILE A 381 8.99 -19.09 -6.41
C ILE A 381 8.67 -17.72 -7.04
N PHE A 382 8.02 -16.87 -6.26
CA PHE A 382 7.65 -15.56 -6.78
C PHE A 382 8.77 -14.54 -6.69
N ARG A 383 8.87 -13.73 -7.74
CA ARG A 383 9.77 -12.61 -7.79
C ARG A 383 8.91 -11.35 -7.69
N ILE A 384 9.03 -10.65 -6.57
CA ILE A 384 8.24 -9.45 -6.34
C ILE A 384 9.16 -8.23 -6.38
N LYS A 385 9.10 -7.49 -7.48
CA LYS A 385 9.94 -6.31 -7.61
C LYS A 385 9.36 -5.13 -6.83
N LEU A 386 10.24 -4.41 -6.14
CA LEU A 386 9.89 -3.23 -5.40
C LEU A 386 10.72 -2.05 -5.95
N ASP A 387 10.45 -0.85 -5.47
CA ASP A 387 11.23 0.30 -5.92
C ASP A 387 12.53 0.36 -5.13
N PRO A 388 13.47 1.17 -5.57
CA PRO A 388 14.76 1.32 -4.94
C PRO A 388 14.71 1.57 -3.44
N THR A 389 13.68 2.22 -2.94
CA THR A 389 13.61 2.54 -1.51
C THR A 389 12.87 1.47 -0.72
N TYR A 390 12.35 0.46 -1.42
CA TYR A 390 11.60 -0.60 -0.77
C TYR A 390 10.37 -0.06 -0.06
N SER A 391 9.66 0.85 -0.75
CA SER A 391 8.47 1.48 -0.21
C SER A 391 7.20 0.85 -0.77
N THR A 392 7.28 0.44 -2.03
CA THR A 392 6.13 -0.13 -2.72
C THR A 392 6.54 -1.25 -3.66
N THR A 393 5.56 -2.03 -4.11
CA THR A 393 5.81 -3.09 -5.08
C THR A 393 5.48 -2.55 -6.47
N TYR A 394 6.23 -3.02 -7.46
CA TYR A 394 5.96 -2.66 -8.85
C TYR A 394 5.30 -3.87 -9.53
N ASP A 395 4.17 -3.66 -10.18
CA ASP A 395 3.51 -4.74 -10.91
C ASP A 395 3.12 -5.91 -10.00
N ASP A 396 3.07 -7.12 -10.54
CA ASP A 396 2.61 -8.29 -9.82
C ASP A 396 3.70 -9.24 -9.34
N ALA A 397 3.26 -10.35 -8.75
CA ALA A 397 4.15 -11.40 -8.30
C ALA A 397 4.35 -12.37 -9.47
N VAL A 398 5.58 -12.43 -9.99
CA VAL A 398 5.86 -13.30 -11.13
C VAL A 398 6.32 -14.67 -10.66
N PRO A 399 5.58 -15.70 -11.03
CA PRO A 399 5.88 -17.07 -10.64
C PRO A 399 7.10 -17.62 -11.38
N MET A 400 7.93 -18.37 -10.67
CA MET A 400 9.13 -18.97 -11.26
C MET A 400 9.33 -20.41 -10.82
N PHE A 401 10.24 -21.10 -11.49
CA PHE A 401 10.60 -22.48 -11.20
C PHE A 401 9.41 -23.38 -10.89
N LYS A 402 8.46 -23.43 -11.80
CA LYS A 402 7.28 -24.27 -11.63
C LYS A 402 7.64 -25.76 -11.64
N SER A 403 7.18 -26.48 -10.62
CA SER A 403 7.42 -27.91 -10.51
C SER A 403 6.54 -28.53 -9.43
N ASN A 404 6.38 -29.85 -9.50
CA ASN A 404 5.59 -30.58 -8.52
C ASN A 404 6.38 -30.68 -7.22
N ASN A 405 6.64 -29.51 -6.63
CA ASN A 405 7.39 -29.41 -5.39
C ASN A 405 6.81 -28.35 -4.47
N ARG A 406 7.09 -28.50 -3.17
CA ARG A 406 6.64 -27.55 -2.17
C ARG A 406 7.85 -26.76 -1.68
N TYR A 407 8.07 -25.58 -2.28
CA TYR A 407 9.22 -24.77 -1.91
C TYR A 407 9.06 -24.21 -0.51
N ARG A 408 10.08 -24.42 0.32
CA ARG A 408 10.04 -24.04 1.73
C ARG A 408 10.91 -22.85 2.07
N ASP A 409 12.00 -22.64 1.34
CA ASP A 409 12.87 -21.49 1.61
C ASP A 409 13.75 -21.22 0.40
N VAL A 410 14.44 -20.08 0.42
CA VAL A 410 15.28 -19.71 -0.71
C VAL A 410 16.26 -18.61 -0.36
N ILE A 411 17.50 -18.81 -0.78
CA ILE A 411 18.56 -17.82 -0.59
C ILE A 411 19.33 -17.70 -1.91
N ALA A 412 20.25 -16.76 -1.98
CA ALA A 412 21.05 -16.56 -3.19
C ALA A 412 22.52 -16.47 -2.82
N SER A 413 23.41 -16.82 -3.75
CA SER A 413 24.84 -16.76 -3.47
C SER A 413 25.31 -15.30 -3.47
N PRO A 414 26.50 -15.06 -2.94
CA PRO A 414 27.10 -13.74 -2.89
C PRO A 414 27.11 -13.07 -4.25
N ASP A 415 27.76 -13.69 -5.24
CA ASP A 415 27.78 -13.12 -6.58
C ASP A 415 26.34 -12.90 -7.06
N GLY A 416 25.43 -13.74 -6.55
CA GLY A 416 24.02 -13.62 -6.82
C GLY A 416 23.52 -14.14 -8.15
N ASN A 417 24.10 -15.19 -8.70
CA ASN A 417 23.64 -15.74 -9.97
C ASN A 417 23.03 -17.13 -9.78
N VAL A 418 23.17 -17.66 -8.57
CA VAL A 418 22.63 -18.98 -8.27
C VAL A 418 21.71 -18.90 -7.05
N LEU A 419 20.58 -19.59 -7.14
CA LEU A 419 19.61 -19.63 -6.05
C LEU A 419 19.53 -21.03 -5.46
N TYR A 420 19.44 -21.09 -4.13
CA TYR A 420 19.31 -22.37 -3.45
C TYR A 420 17.96 -22.41 -2.73
N VAL A 421 17.20 -23.45 -3.01
CA VAL A 421 15.88 -23.55 -2.40
C VAL A 421 15.72 -24.91 -1.72
N LEU A 422 14.92 -24.93 -0.66
CA LEU A 422 14.63 -26.17 0.06
C LEU A 422 13.24 -26.65 -0.35
N THR A 423 13.05 -27.96 -0.35
CA THR A 423 11.77 -28.54 -0.75
C THR A 423 11.22 -29.45 0.35
N ASP A 424 9.91 -29.40 0.55
CA ASP A 424 9.27 -30.21 1.58
C ASP A 424 9.49 -31.71 1.33
N THR A 425 9.73 -32.45 2.40
CA THR A 425 9.93 -33.89 2.29
C THR A 425 8.71 -34.52 1.63
N ALA A 426 7.54 -33.96 1.94
CA ALA A 426 6.30 -34.48 1.39
C ALA A 426 5.12 -33.53 1.55
N GLY A 427 4.11 -33.74 0.72
CA GLY A 427 2.90 -32.94 0.76
C GLY A 427 2.16 -32.84 -0.56
N ASN A 428 1.12 -32.01 -0.52
CA ASN A 428 0.24 -31.73 -1.64
C ASN A 428 0.70 -30.50 -2.40
N VAL A 429 0.74 -30.62 -3.72
CA VAL A 429 1.12 -29.50 -4.58
C VAL A 429 0.25 -29.52 -5.84
N GLN A 430 0.12 -28.37 -6.49
CA GLN A 430 -0.68 -28.28 -7.71
C GLN A 430 0.18 -28.57 -8.93
N LYS A 431 -0.27 -29.47 -9.77
CA LYS A 431 0.46 -29.86 -10.98
C LYS A 431 0.20 -28.84 -12.09
N ASP A 432 0.65 -29.13 -13.30
CA ASP A 432 0.47 -28.20 -14.42
C ASP A 432 -1.00 -27.91 -14.67
N ASP A 433 -1.87 -28.91 -14.62
CA ASP A 433 -3.32 -28.61 -14.75
C ASP A 433 -3.76 -28.02 -13.42
N GLY A 434 -5.06 -27.97 -13.14
CA GLY A 434 -5.49 -27.41 -11.85
C GLY A 434 -5.46 -28.48 -10.77
N SER A 435 -5.29 -29.74 -11.18
CA SER A 435 -5.32 -30.86 -10.26
C SER A 435 -4.15 -30.86 -9.28
N VAL A 436 -4.28 -31.74 -8.29
CA VAL A 436 -3.33 -31.87 -7.19
C VAL A 436 -2.66 -33.24 -7.16
N THR A 437 -1.50 -33.31 -6.51
CA THR A 437 -0.77 -34.55 -6.32
C THR A 437 0.07 -34.45 -5.04
N ASN A 438 0.45 -35.61 -4.50
CA ASN A 438 1.33 -35.63 -3.34
C ASN A 438 2.66 -36.28 -3.75
N THR A 439 2.77 -36.57 -5.04
CA THR A 439 4.00 -37.11 -5.60
C THR A 439 4.94 -35.95 -5.92
N LEU A 440 5.83 -35.65 -4.98
CA LEU A 440 6.76 -34.55 -5.14
C LEU A 440 7.98 -34.96 -5.96
N GLU A 441 8.32 -34.14 -6.94
CA GLU A 441 9.45 -34.38 -7.82
C GLU A 441 10.77 -34.40 -7.06
N ASN A 442 10.89 -33.54 -6.05
CA ASN A 442 12.12 -33.46 -5.27
C ASN A 442 11.87 -33.34 -3.78
N PRO A 443 11.60 -34.46 -3.12
CA PRO A 443 11.34 -34.52 -1.70
C PRO A 443 12.54 -34.12 -0.85
N GLY A 444 12.28 -33.41 0.24
CA GLY A 444 13.30 -32.97 1.17
C GLY A 444 14.64 -32.75 0.49
N SER A 445 14.68 -31.79 -0.44
CA SER A 445 15.91 -31.52 -1.17
C SER A 445 16.34 -30.06 -1.08
N LEU A 446 17.62 -29.86 -1.37
CA LEU A 446 18.22 -28.54 -1.50
C LEU A 446 18.58 -28.45 -3.00
N ILE A 447 17.82 -27.71 -3.79
CA ILE A 447 18.18 -27.67 -5.21
C ILE A 447 18.75 -26.30 -5.54
N LYS A 448 19.56 -26.27 -6.58
CA LYS A 448 20.25 -25.05 -6.98
C LYS A 448 19.83 -24.65 -8.40
N PHE A 449 19.53 -23.37 -8.57
CA PHE A 449 19.15 -22.84 -9.88
C PHE A 449 20.21 -21.82 -10.31
N THR A 450 20.81 -22.04 -11.47
CA THR A 450 21.86 -21.16 -11.96
C THR A 450 21.47 -20.47 -13.26
N ASP B 1 -10.49 0.75 0.53
CA ASP B 1 -11.37 0.82 1.72
C ASP B 1 -12.85 0.71 1.35
N VAL B 2 -13.66 0.35 2.33
CA VAL B 2 -15.10 0.19 2.15
C VAL B 2 -15.80 1.53 2.42
N PRO B 3 -16.76 1.87 1.58
CA PRO B 3 -17.49 3.11 1.69
C PRO B 3 -18.20 3.33 3.02
N LEU B 4 -18.15 4.58 3.50
CA LEU B 4 -18.89 4.94 4.70
C LEU B 4 -20.35 5.15 4.27
N THR B 5 -21.28 5.00 5.19
CA THR B 5 -22.69 5.23 4.87
C THR B 5 -23.03 6.68 5.19
N PRO B 6 -24.08 7.19 4.56
CA PRO B 6 -24.52 8.56 4.79
C PRO B 6 -24.62 8.89 6.27
N SER B 7 -25.06 7.91 7.05
CA SER B 7 -25.21 8.10 8.50
C SER B 7 -23.86 8.23 9.18
N GLN B 8 -22.87 7.46 8.71
CA GLN B 8 -21.53 7.56 9.28
C GLN B 8 -20.93 8.93 8.94
N PHE B 9 -21.20 9.39 7.72
CA PHE B 9 -20.77 10.72 7.30
C PHE B 9 -21.48 11.78 8.13
N ALA B 10 -22.79 11.59 8.30
CA ALA B 10 -23.63 12.51 9.02
C ALA B 10 -23.20 12.77 10.46
N LYS B 11 -22.73 11.75 11.16
CA LYS B 11 -22.32 11.94 12.55
C LYS B 11 -20.91 12.51 12.68
N ALA B 12 -20.22 12.69 11.56
CA ALA B 12 -18.87 13.25 11.59
C ALA B 12 -18.93 14.77 11.68
N LYS B 13 -19.67 15.25 12.67
CA LYS B 13 -19.92 16.67 12.87
C LYS B 13 -18.76 17.43 13.49
N SER B 14 -17.89 16.76 14.22
CA SER B 14 -16.73 17.40 14.84
C SER B 14 -17.14 18.53 15.77
N GLU B 15 -17.47 18.17 17.01
CA GLU B 15 -17.87 19.14 18.03
C GLU B 15 -16.66 19.70 18.76
N ASN B 16 -15.54 19.00 18.64
CA ASN B 16 -14.29 19.35 19.31
C ASN B 16 -13.56 20.52 18.66
N PHE B 17 -14.16 21.15 17.66
CA PHE B 17 -13.56 22.29 16.99
C PHE B 17 -14.55 23.46 16.93
N ASP B 18 -14.02 24.68 17.03
CA ASP B 18 -14.84 25.88 16.90
C ASP B 18 -14.89 26.28 15.42
N LYS B 19 -16.08 26.36 14.86
CA LYS B 19 -16.23 26.75 13.46
C LYS B 19 -16.44 28.26 13.35
N LYS B 20 -15.58 28.92 12.59
CA LYS B 20 -15.70 30.37 12.42
C LYS B 20 -15.40 30.78 10.98
N VAL B 21 -16.45 31.19 10.28
CA VAL B 21 -16.34 31.64 8.90
C VAL B 21 -15.63 32.99 8.84
N ILE B 22 -14.49 33.02 8.16
CA ILE B 22 -13.71 34.25 8.04
C ILE B 22 -14.25 35.07 6.86
N LEU B 23 -14.25 34.45 5.70
CA LEU B 23 -14.73 35.08 4.48
C LEU B 23 -15.87 34.27 3.85
N SER B 24 -16.67 34.96 3.05
CA SER B 24 -17.76 34.32 2.33
C SER B 24 -17.92 34.93 0.95
N ASN B 25 -18.57 34.19 0.07
CA ASN B 25 -18.85 34.59 -1.30
C ASN B 25 -17.61 34.90 -2.11
N LEU B 26 -16.56 34.10 -1.94
CA LEU B 26 -15.35 34.23 -2.75
C LEU B 26 -15.68 33.66 -4.13
N ASN B 27 -14.99 34.10 -5.17
CA ASN B 27 -15.32 33.62 -6.51
C ASN B 27 -14.55 32.34 -6.85
N LYS B 28 -15.20 31.21 -6.59
CA LYS B 28 -14.60 29.90 -6.86
C LYS B 28 -13.18 29.83 -6.30
N PRO B 29 -13.07 29.97 -4.99
CA PRO B 29 -11.79 29.87 -4.30
C PRO B 29 -11.20 28.49 -4.53
N HIS B 30 -9.93 28.43 -4.94
CA HIS B 30 -9.32 27.15 -5.29
C HIS B 30 -8.26 26.67 -4.32
N ALA B 31 -7.15 27.40 -4.21
CA ALA B 31 -6.07 26.97 -3.32
C ALA B 31 -5.71 28.03 -2.30
N LEU B 32 -5.34 27.58 -1.09
CA LEU B 32 -4.91 28.49 -0.05
C LEU B 32 -3.55 28.04 0.50
N LEU B 33 -2.72 29.01 0.83
CA LEU B 33 -1.40 28.75 1.38
C LEU B 33 -1.15 29.65 2.59
N TRP B 34 -0.25 29.22 3.48
CA TRP B 34 0.10 30.07 4.63
C TRP B 34 1.29 30.94 4.23
N GLY B 35 1.05 32.23 4.06
CA GLY B 35 2.07 33.16 3.63
C GLY B 35 3.16 33.43 4.66
N PRO B 36 4.29 33.95 4.20
CA PRO B 36 5.43 34.26 5.04
C PRO B 36 5.14 35.35 6.07
N ASP B 37 4.28 36.26 5.64
CA ASP B 37 3.80 37.39 6.41
C ASP B 37 2.73 36.96 7.41
N ASN B 38 2.73 35.67 7.72
CA ASN B 38 1.78 35.06 8.62
C ASN B 38 0.34 35.38 8.21
N GLN B 39 0.17 35.71 6.93
CA GLN B 39 -1.15 36.00 6.38
C GLN B 39 -1.56 34.88 5.43
N ILE B 40 -2.86 34.75 5.18
CA ILE B 40 -3.36 33.67 4.31
C ILE B 40 -3.58 34.13 2.88
N TRP B 41 -2.94 33.43 1.94
CA TRP B 41 -3.09 33.74 0.53
C TRP B 41 -3.95 32.67 -0.13
N LEU B 42 -4.93 33.10 -0.90
CA LEU B 42 -5.82 32.16 -1.59
C LEU B 42 -6.06 32.60 -3.03
N THR B 43 -6.42 31.65 -3.88
CA THR B 43 -6.68 31.96 -5.28
C THR B 43 -8.15 31.83 -5.63
N GLU B 44 -8.55 32.63 -6.62
CA GLU B 44 -9.90 32.57 -7.19
C GLU B 44 -9.71 32.03 -8.61
N ARG B 45 -10.15 30.80 -8.84
CA ARG B 45 -9.92 30.13 -10.11
C ARG B 45 -10.51 30.84 -11.31
N ALA B 46 -11.77 31.24 -11.25
CA ALA B 46 -12.42 31.89 -12.37
C ALA B 46 -11.79 33.23 -12.73
N THR B 47 -11.66 34.12 -11.76
CA THR B 47 -11.14 35.46 -11.98
C THR B 47 -9.63 35.52 -12.16
N GLY B 48 -8.91 34.60 -11.54
CA GLY B 48 -7.44 34.61 -11.61
C GLY B 48 -6.85 35.54 -10.57
N LYS B 49 -7.65 35.90 -9.56
CA LYS B 49 -7.19 36.79 -8.51
C LYS B 49 -6.42 36.02 -7.42
N ILE B 50 -5.51 36.74 -6.79
CA ILE B 50 -4.74 36.22 -5.67
C ILE B 50 -5.01 37.12 -4.47
N LEU B 51 -5.70 36.57 -3.48
CA LEU B 51 -6.09 37.36 -2.31
C LEU B 51 -5.26 37.06 -1.07
N ARG B 52 -4.96 38.12 -0.31
CA ARG B 52 -4.24 37.96 0.94
C ARG B 52 -5.18 38.33 2.08
N VAL B 53 -5.42 37.37 2.96
CA VAL B 53 -6.34 37.55 4.07
C VAL B 53 -5.62 37.58 5.41
N ASN B 54 -6.12 38.43 6.31
CA ASN B 54 -5.57 38.52 7.67
C ASN B 54 -6.30 37.50 8.53
N PRO B 55 -5.62 36.42 8.88
CA PRO B 55 -6.20 35.33 9.65
C PRO B 55 -7.10 35.75 10.79
N GLU B 56 -6.70 36.73 11.59
CA GLU B 56 -7.47 37.16 12.74
C GLU B 56 -8.47 38.27 12.44
N SER B 57 -8.14 39.20 11.55
CA SER B 57 -9.03 40.32 11.26
C SER B 57 -9.92 40.08 10.07
N GLY B 58 -9.48 39.30 9.09
CA GLY B 58 -10.28 38.98 7.92
C GLY B 58 -10.18 40.02 6.82
N SER B 59 -9.24 40.95 6.94
CA SER B 59 -9.05 41.98 5.91
C SER B 59 -8.62 41.35 4.59
N VAL B 60 -9.37 41.55 3.52
CA VAL B 60 -8.95 41.02 2.24
C VAL B 60 -8.26 42.15 1.46
N LYS B 61 -7.43 41.70 0.52
CA LYS B 61 -6.74 42.57 -0.39
C LYS B 61 -6.42 41.77 -1.66
N THR B 62 -6.87 42.29 -2.79
CA THR B 62 -6.56 41.62 -4.06
C THR B 62 -5.13 42.02 -4.40
N VAL B 63 -4.18 41.14 -4.07
CA VAL B 63 -2.77 41.44 -4.29
C VAL B 63 -2.45 41.50 -5.78
N PHE B 64 -3.01 40.58 -6.54
CA PHE B 64 -2.74 40.52 -7.98
C PHE B 64 -3.85 39.76 -8.71
N GLN B 65 -4.07 40.13 -9.96
CA GLN B 65 -5.06 39.45 -10.80
C GLN B 65 -4.37 39.03 -12.09
N VAL B 66 -4.10 37.73 -12.20
CA VAL B 66 -3.42 37.18 -13.36
C VAL B 66 -4.22 37.46 -14.63
N PRO B 67 -3.63 38.21 -15.55
CA PRO B 67 -4.28 38.59 -16.78
C PRO B 67 -4.46 37.48 -17.80
N GLU B 68 -5.53 37.57 -18.57
CA GLU B 68 -5.85 36.63 -19.63
C GLU B 68 -6.18 35.23 -19.16
N ILE B 69 -6.57 35.08 -17.90
CA ILE B 69 -6.97 33.77 -17.37
C ILE B 69 -8.29 33.34 -18.00
N VAL B 70 -8.26 32.26 -18.77
CA VAL B 70 -9.48 31.75 -19.39
C VAL B 70 -10.19 30.77 -18.45
N ASN B 71 -11.51 30.88 -18.39
CA ASN B 71 -12.30 30.01 -17.53
C ASN B 71 -13.72 29.84 -18.06
N ASP B 72 -14.11 28.58 -18.23
CA ASP B 72 -15.48 28.26 -18.62
C ASP B 72 -16.30 28.11 -17.34
N ALA B 73 -17.42 28.82 -17.25
CA ALA B 73 -18.24 28.82 -16.05
C ALA B 73 -18.59 27.41 -15.57
N ASP B 74 -18.61 26.45 -16.49
CA ASP B 74 -18.97 25.08 -16.19
C ASP B 74 -17.78 24.15 -16.03
N GLY B 75 -16.57 24.60 -16.29
CA GLY B 75 -15.39 23.76 -16.24
C GLY B 75 -14.46 23.91 -15.04
N GLN B 76 -13.42 23.09 -15.03
CA GLN B 76 -12.42 23.07 -13.96
C GLN B 76 -11.15 23.83 -14.33
N ASN B 77 -11.21 24.62 -15.40
CA ASN B 77 -10.05 25.38 -15.86
C ASN B 77 -9.99 26.76 -15.22
N GLY B 78 -8.92 27.49 -15.48
CA GLY B 78 -8.72 28.83 -14.92
C GLY B 78 -7.37 28.91 -14.21
N LEU B 79 -7.28 29.73 -13.17
CA LEU B 79 -6.05 29.83 -12.38
C LEU B 79 -5.96 28.59 -11.49
N LEU B 80 -4.89 27.82 -11.63
CA LEU B 80 -4.76 26.56 -10.90
C LEU B 80 -3.59 26.50 -9.94
N GLY B 81 -2.38 26.26 -10.46
CA GLY B 81 -1.20 26.16 -9.63
C GLY B 81 -0.94 27.44 -8.83
N PHE B 82 -0.49 27.27 -7.60
CA PHE B 82 -0.19 28.40 -6.73
C PHE B 82 0.79 27.95 -5.63
N ALA B 83 2.01 28.47 -5.71
CA ALA B 83 3.05 28.12 -4.76
C ALA B 83 4.02 29.27 -4.54
N PHE B 84 4.53 29.34 -3.33
CA PHE B 84 5.55 30.32 -2.96
C PHE B 84 6.92 29.63 -3.08
N HIS B 85 7.97 30.42 -3.16
CA HIS B 85 9.31 29.83 -3.18
C HIS B 85 9.69 29.53 -1.74
N PRO B 86 10.14 28.32 -1.46
CA PRO B 86 10.49 27.88 -0.13
C PRO B 86 11.14 28.94 0.73
N ASP B 87 12.16 29.60 0.19
CA ASP B 87 12.85 30.67 0.91
C ASP B 87 12.44 32.00 0.31
N PHE B 88 11.17 32.34 0.51
CA PHE B 88 10.54 33.52 -0.04
C PHE B 88 11.20 34.84 0.29
N LYS B 89 11.99 34.88 1.35
CA LYS B 89 12.64 36.11 1.81
C LYS B 89 13.86 36.44 0.95
N ASN B 90 14.59 35.41 0.59
CA ASN B 90 15.77 35.51 -0.25
C ASN B 90 15.37 35.42 -1.72
N ASN B 91 14.33 34.60 -1.91
CA ASN B 91 13.81 34.27 -3.23
C ASN B 91 12.31 34.48 -3.31
N PRO B 92 11.91 35.74 -3.42
CA PRO B 92 10.52 36.14 -3.47
C PRO B 92 9.82 35.81 -4.77
N TYR B 93 9.53 34.53 -5.02
CA TYR B 93 8.85 34.15 -6.25
C TYR B 93 7.58 33.36 -5.99
N ILE B 94 6.56 33.72 -6.78
CA ILE B 94 5.28 33.03 -6.72
C ILE B 94 5.12 32.26 -8.03
N TYR B 95 4.76 30.99 -7.92
CA TYR B 95 4.60 30.14 -9.09
C TYR B 95 3.14 29.76 -9.27
N ILE B 96 2.66 29.99 -10.48
CA ILE B 96 1.27 29.68 -10.81
C ILE B 96 1.24 28.83 -12.08
N SER B 97 0.04 28.36 -12.38
CA SER B 97 -0.29 27.66 -13.60
C SER B 97 -1.72 28.12 -13.93
N GLY B 98 -2.06 28.23 -15.21
CA GLY B 98 -3.39 28.70 -15.53
C GLY B 98 -3.78 28.42 -16.97
N THR B 99 -5.09 28.54 -17.22
CA THR B 99 -5.63 28.35 -18.56
C THR B 99 -5.47 29.64 -19.36
N PHE B 100 -4.81 29.54 -20.50
CA PHE B 100 -4.60 30.69 -21.36
C PHE B 100 -4.89 30.32 -22.82
N LYS B 101 -5.47 31.26 -23.54
CA LYS B 101 -5.73 31.06 -24.96
C LYS B 101 -4.43 30.61 -25.63
N ASN B 102 -4.54 29.61 -26.50
CA ASN B 102 -3.38 29.13 -27.22
C ASN B 102 -3.48 29.56 -28.69
N PRO B 103 -2.79 30.63 -29.03
CA PRO B 103 -2.79 31.16 -30.38
C PRO B 103 -2.42 30.10 -31.40
N LYS B 104 -1.81 29.02 -30.95
CA LYS B 104 -1.35 27.97 -31.85
C LYS B 104 -2.20 26.71 -31.81
N SER B 105 -3.52 26.86 -31.74
CA SER B 105 -4.40 25.69 -31.69
C SER B 105 -5.07 25.39 -33.03
N THR B 106 -5.63 24.19 -33.08
CA THR B 106 -6.34 23.66 -34.23
C THR B 106 -7.57 22.88 -33.79
N ASP B 107 -8.40 23.41 -32.87
CA ASP B 107 -9.54 22.68 -32.34
C ASP B 107 -10.68 23.36 -31.59
N LYS B 108 -11.81 22.64 -31.49
CA LYS B 108 -12.99 22.97 -30.69
C LYS B 108 -12.79 22.25 -29.34
N GLU B 109 -12.83 23.05 -28.29
CA GLU B 109 -12.24 22.71 -27.02
C GLU B 109 -10.77 22.56 -27.46
N LEU B 110 -9.83 22.34 -26.56
CA LEU B 110 -8.43 22.33 -26.98
C LEU B 110 -8.00 23.63 -27.64
N PRO B 111 -8.68 24.74 -27.37
CA PRO B 111 -8.32 26.06 -27.85
C PRO B 111 -7.35 26.72 -26.88
N ASN B 112 -7.26 26.17 -25.67
CA ASN B 112 -6.38 26.73 -24.65
C ASN B 112 -5.15 25.87 -24.41
N GLN B 113 -4.23 26.45 -23.66
CA GLN B 113 -2.99 25.80 -23.24
C GLN B 113 -2.86 26.04 -21.74
N THR B 114 -2.09 25.19 -21.07
CA THR B 114 -1.85 25.42 -19.64
C THR B 114 -0.43 25.99 -19.53
N ILE B 115 -0.26 27.04 -18.74
CA ILE B 115 1.06 27.65 -18.61
C ILE B 115 1.52 27.76 -17.16
N ILE B 116 2.68 27.17 -16.88
CA ILE B 116 3.29 27.32 -15.57
C ILE B 116 4.15 28.57 -15.63
N ARG B 117 3.88 29.53 -14.76
CA ARG B 117 4.57 30.82 -14.83
C ARG B 117 5.05 31.31 -13.48
N ARG B 118 6.16 32.06 -13.49
CA ARG B 118 6.71 32.63 -12.28
C ARG B 118 6.48 34.14 -12.19
N TYR B 119 6.09 34.59 -11.01
CA TYR B 119 5.92 36.01 -10.75
C TYR B 119 6.87 36.43 -9.63
N THR B 120 7.39 37.65 -9.72
CA THR B 120 8.25 38.18 -8.67
C THR B 120 7.40 39.07 -7.76
N TYR B 121 7.46 38.84 -6.46
CA TYR B 121 6.68 39.64 -5.53
C TYR B 121 7.45 40.87 -5.09
N ASN B 122 6.85 42.04 -5.32
CA ASN B 122 7.47 43.30 -4.90
C ASN B 122 6.94 43.68 -3.51
N LYS B 123 7.85 43.73 -2.56
CA LYS B 123 7.56 44.06 -1.18
C LYS B 123 6.77 45.35 -1.00
N SER B 124 7.39 46.47 -1.35
CA SER B 124 6.82 47.79 -1.14
C SER B 124 5.63 48.12 -2.02
N THR B 125 5.63 47.61 -3.25
CA THR B 125 4.55 47.85 -4.20
C THR B 125 3.36 46.94 -3.90
N ASP B 126 3.67 45.84 -3.23
CA ASP B 126 2.70 44.83 -2.83
C ASP B 126 1.88 44.33 -4.01
N THR B 127 2.56 43.70 -4.95
CA THR B 127 1.93 43.11 -6.13
C THR B 127 2.95 42.29 -6.89
N LEU B 128 2.48 41.48 -7.83
CA LEU B 128 3.36 40.59 -8.59
C LEU B 128 3.83 41.25 -9.88
N GLU B 129 5.14 41.22 -10.10
CA GLU B 129 5.74 41.84 -11.29
C GLU B 129 6.68 40.89 -12.02
N LYS B 130 7.22 41.36 -13.14
CA LYS B 130 8.18 40.60 -13.93
C LYS B 130 7.79 39.15 -14.13
N PRO B 131 6.75 38.91 -14.93
CA PRO B 131 6.27 37.58 -15.23
C PRO B 131 7.22 36.78 -16.10
N VAL B 132 7.44 35.51 -15.76
CA VAL B 132 8.30 34.64 -16.56
C VAL B 132 7.61 33.31 -16.84
N ASP B 133 7.37 33.07 -18.13
CA ASP B 133 6.80 31.82 -18.61
C ASP B 133 7.85 30.72 -18.51
N LEU B 134 7.58 29.70 -17.70
CA LEU B 134 8.55 28.62 -17.53
C LEU B 134 8.24 27.44 -18.44
N LEU B 135 6.98 27.02 -18.45
CA LEU B 135 6.55 25.91 -19.30
C LEU B 135 5.16 26.20 -19.84
N ALA B 136 5.08 26.42 -21.15
CA ALA B 136 3.84 26.74 -21.82
C ALA B 136 3.49 25.67 -22.85
N GLY B 137 2.29 25.75 -23.41
CA GLY B 137 1.86 24.78 -24.41
C GLY B 137 1.43 23.46 -23.79
N LEU B 138 1.08 23.49 -22.50
CA LEU B 138 0.62 22.28 -21.83
C LEU B 138 -0.85 22.05 -22.16
N PRO B 139 -1.28 20.80 -22.20
CA PRO B 139 -2.66 20.46 -22.50
C PRO B 139 -3.66 21.23 -21.66
N SER B 140 -4.85 21.46 -22.20
CA SER B 140 -5.88 22.21 -21.51
C SER B 140 -7.29 21.76 -21.91
N SER B 141 -8.23 21.84 -20.97
CA SER B 141 -9.61 21.47 -21.22
C SER B 141 -10.48 21.92 -20.06
N LYS B 142 -11.74 21.49 -20.05
CA LYS B 142 -12.69 21.83 -19.00
C LYS B 142 -12.66 20.82 -17.85
N ASP B 143 -12.22 19.60 -18.12
CA ASP B 143 -12.22 18.57 -17.10
C ASP B 143 -10.83 18.11 -16.68
N HIS B 144 -10.77 17.52 -15.51
CA HIS B 144 -9.55 16.96 -14.93
C HIS B 144 -8.30 17.74 -15.30
N GLN B 145 -8.15 18.91 -14.70
CA GLN B 145 -6.98 19.76 -14.95
C GLN B 145 -5.97 19.60 -13.81
N SER B 146 -6.48 19.21 -12.66
CA SER B 146 -5.65 19.04 -11.47
C SER B 146 -4.97 20.36 -11.15
N GLY B 147 -3.73 20.53 -11.56
CA GLY B 147 -3.02 21.78 -11.39
C GLY B 147 -2.37 22.04 -10.06
N ARG B 148 -2.15 21.03 -9.22
CA ARG B 148 -1.45 21.30 -7.96
C ARG B 148 0.02 21.57 -8.29
N LEU B 149 0.57 22.61 -7.67
CA LEU B 149 1.94 23.01 -7.95
C LEU B 149 2.70 23.23 -6.65
N VAL B 150 3.69 22.38 -6.38
CA VAL B 150 4.47 22.53 -5.17
C VAL B 150 5.95 22.56 -5.52
N ILE B 151 6.73 23.17 -4.64
CA ILE B 151 8.17 23.19 -4.88
C ILE B 151 8.86 22.21 -3.95
N GLY B 152 9.36 21.17 -4.61
CA GLY B 152 10.03 20.06 -4.00
C GLY B 152 11.29 20.43 -3.24
N PRO B 153 11.67 19.58 -2.31
CA PRO B 153 12.86 19.76 -1.49
C PRO B 153 14.12 19.78 -2.33
N ASP B 154 13.99 19.37 -3.59
CA ASP B 154 15.09 19.35 -4.54
C ASP B 154 15.11 20.59 -5.41
N GLN B 155 14.29 21.57 -5.06
CA GLN B 155 14.21 22.83 -5.78
C GLN B 155 13.55 22.69 -7.15
N LYS B 156 12.84 21.59 -7.35
CA LYS B 156 12.13 21.35 -8.60
C LYS B 156 10.64 21.63 -8.48
N ILE B 157 10.05 22.08 -9.58
CA ILE B 157 8.60 22.30 -9.60
C ILE B 157 7.92 20.97 -9.89
N TYR B 158 7.04 20.56 -8.97
CA TYR B 158 6.25 19.35 -9.16
C TYR B 158 4.83 19.80 -9.51
N TYR B 159 4.32 19.30 -10.63
CA TYR B 159 3.02 19.74 -11.11
C TYR B 159 2.12 18.60 -11.53
N THR B 160 0.85 18.67 -11.11
CA THR B 160 -0.12 17.66 -11.51
C THR B 160 -0.94 18.15 -12.69
N ILE B 161 -0.99 17.33 -13.72
CA ILE B 161 -1.77 17.67 -14.92
C ILE B 161 -2.69 16.50 -15.25
N GLY B 162 -3.98 16.69 -14.98
CA GLY B 162 -5.00 15.69 -15.16
C GLY B 162 -5.09 15.10 -16.55
N ASP B 163 -5.91 14.05 -16.69
CA ASP B 163 -6.10 13.38 -17.96
C ASP B 163 -7.05 14.12 -18.89
N GLN B 164 -7.39 15.36 -18.53
CA GLN B 164 -8.21 16.24 -19.36
C GLN B 164 -9.64 15.78 -19.53
N GLY B 165 -10.10 14.83 -18.72
CA GLY B 165 -11.46 14.34 -18.75
C GLY B 165 -11.76 13.40 -19.90
N ARG B 166 -10.72 12.97 -20.62
CA ARG B 166 -10.93 12.05 -21.74
C ARG B 166 -11.54 10.74 -21.26
N ASN B 167 -12.45 10.19 -22.06
CA ASN B 167 -13.13 8.94 -21.80
C ASN B 167 -14.28 9.10 -20.81
N GLN B 168 -14.82 10.31 -20.68
CA GLN B 168 -15.95 10.55 -19.80
C GLN B 168 -16.66 11.85 -20.14
N LEU B 169 -17.97 11.86 -19.96
CA LEU B 169 -18.80 13.03 -20.21
C LEU B 169 -18.48 13.72 -21.52
N ALA B 170 -18.15 15.01 -21.50
CA ALA B 170 -17.94 15.79 -22.71
C ALA B 170 -16.71 15.44 -23.54
N TYR B 171 -15.88 14.50 -23.10
CA TYR B 171 -14.71 14.09 -23.88
C TYR B 171 -14.70 12.57 -24.00
N LEU B 172 -15.88 11.99 -23.81
CA LEU B 172 -16.09 10.56 -23.81
C LEU B 172 -15.35 9.79 -24.89
N PHE B 173 -15.36 10.30 -26.13
CA PHE B 173 -14.74 9.58 -27.23
C PHE B 173 -13.31 10.00 -27.52
N LEU B 174 -12.71 10.80 -26.65
CA LEU B 174 -11.30 11.18 -26.82
C LEU B 174 -10.43 10.13 -26.15
N PRO B 175 -9.42 9.64 -26.85
CA PRO B 175 -8.53 8.62 -26.34
C PRO B 175 -7.70 9.11 -25.16
N ASN B 176 -7.91 8.48 -24.00
CA ASN B 176 -7.17 8.89 -22.79
C ASN B 176 -5.66 8.80 -23.05
N GLN B 177 -4.92 9.77 -22.54
CA GLN B 177 -3.48 9.82 -22.75
C GLN B 177 -2.68 9.67 -21.46
N ALA B 178 -3.34 9.27 -20.38
CA ALA B 178 -2.69 9.12 -19.08
C ALA B 178 -1.43 8.27 -19.15
N GLN B 179 -1.45 7.22 -19.97
CA GLN B 179 -0.33 6.30 -20.09
C GLN B 179 0.63 6.67 -21.21
N HIS B 180 0.32 7.73 -21.95
CA HIS B 180 1.11 8.13 -23.10
C HIS B 180 2.38 8.89 -22.75
N THR B 181 3.38 8.75 -23.60
CA THR B 181 4.68 9.37 -23.38
C THR B 181 5.17 10.08 -24.63
N PRO B 182 5.89 11.18 -24.45
CA PRO B 182 6.37 11.98 -25.56
C PRO B 182 7.59 11.40 -26.27
N THR B 183 7.61 11.57 -27.59
CA THR B 183 8.76 11.16 -28.39
C THR B 183 9.79 12.30 -28.31
N GLN B 184 11.03 12.05 -28.70
CA GLN B 184 12.01 13.13 -28.66
C GLN B 184 11.60 14.23 -29.65
N GLN B 185 11.13 13.79 -30.81
CA GLN B 185 10.69 14.70 -31.86
C GLN B 185 9.63 15.65 -31.34
N GLU B 186 8.76 15.17 -30.46
CA GLU B 186 7.73 16.01 -29.87
C GLU B 186 8.34 16.97 -28.86
N LEU B 187 9.34 16.46 -28.14
CA LEU B 187 10.03 17.23 -27.12
C LEU B 187 10.84 18.36 -27.74
N ASN B 188 11.34 18.13 -28.95
CA ASN B 188 12.13 19.12 -29.67
C ASN B 188 11.26 20.25 -30.21
N GLY B 189 10.02 19.94 -30.56
CA GLY B 189 9.08 20.93 -31.08
C GLY B 189 8.18 21.47 -29.97
N LYS B 190 8.55 21.19 -28.73
CA LYS B 190 7.81 21.64 -27.56
C LYS B 190 6.35 21.21 -27.62
N ASP B 191 6.13 20.03 -28.17
CA ASP B 191 4.79 19.45 -28.27
C ASP B 191 4.53 18.56 -27.06
N TYR B 192 3.81 19.10 -26.08
CA TYR B 192 3.56 18.38 -24.84
C TYR B 192 2.13 17.84 -24.76
N HIS B 193 1.62 17.32 -25.87
CA HIS B 193 0.26 16.79 -25.90
C HIS B 193 0.10 15.58 -25.00
N THR B 194 1.18 14.82 -24.80
CA THR B 194 1.13 13.62 -23.99
C THR B 194 1.21 13.92 -22.50
N TYR B 195 1.37 15.20 -22.15
CA TYR B 195 1.45 15.58 -20.74
C TYR B 195 0.06 15.63 -20.13
N MET B 196 -0.58 14.47 -20.07
CA MET B 196 -1.92 14.33 -19.50
C MET B 196 -1.92 13.21 -18.47
N GLY B 197 -2.59 13.43 -17.34
CA GLY B 197 -2.62 12.41 -16.29
C GLY B 197 -1.21 12.13 -15.80
N LYS B 198 -0.47 13.20 -15.53
CA LYS B 198 0.91 13.09 -15.11
C LYS B 198 1.27 13.98 -13.93
N VAL B 199 2.35 13.61 -13.26
CA VAL B 199 2.97 14.44 -12.24
C VAL B 199 4.27 14.90 -12.91
N LEU B 200 4.37 16.18 -13.22
CA LEU B 200 5.55 16.70 -13.90
C LEU B 200 6.59 17.15 -12.88
N ARG B 201 7.85 16.99 -13.25
CA ARG B 201 8.98 17.45 -12.46
C ARG B 201 9.84 18.28 -13.42
N LEU B 202 9.98 19.56 -13.15
CA LEU B 202 10.73 20.42 -14.06
C LEU B 202 11.69 21.33 -13.30
N ASN B 203 12.70 21.81 -14.03
CA ASN B 203 13.65 22.76 -13.45
C ASN B 203 12.92 24.08 -13.21
N LEU B 204 13.52 24.96 -12.42
CA LEU B 204 12.89 26.24 -12.14
C LEU B 204 12.77 27.10 -13.38
N ASP B 205 13.66 26.90 -14.35
CA ASP B 205 13.62 27.68 -15.59
C ASP B 205 12.65 27.05 -16.58
N GLY B 206 12.01 25.96 -16.18
CA GLY B 206 11.02 25.27 -16.99
C GLY B 206 11.55 24.16 -17.88
N SER B 207 12.83 23.82 -17.78
CA SER B 207 13.38 22.76 -18.63
C SER B 207 13.32 21.39 -17.95
N ILE B 208 13.55 20.37 -18.78
CA ILE B 208 13.55 18.98 -18.34
C ILE B 208 14.76 18.68 -17.45
N PRO B 209 14.52 18.29 -16.22
CA PRO B 209 15.59 17.93 -15.30
C PRO B 209 16.38 16.75 -15.86
N LYS B 210 17.70 16.83 -15.76
CA LYS B 210 18.58 15.80 -16.31
C LYS B 210 18.42 14.45 -15.60
N ASP B 211 17.93 14.47 -14.37
CA ASP B 211 17.76 13.23 -13.61
C ASP B 211 16.30 12.82 -13.50
N ASN B 212 15.50 13.15 -14.51
CA ASN B 212 14.11 12.74 -14.54
C ASN B 212 14.01 11.31 -15.08
N PRO B 213 13.03 10.56 -14.61
CA PRO B 213 12.82 9.20 -15.02
C PRO B 213 12.69 9.08 -16.53
N SER B 214 13.01 7.91 -17.06
CA SER B 214 12.88 7.68 -18.50
C SER B 214 11.61 6.87 -18.78
N PHE B 215 10.95 7.21 -19.87
CA PHE B 215 9.75 6.48 -20.28
C PHE B 215 9.87 6.14 -21.77
N ASN B 216 10.07 4.87 -22.05
CA ASN B 216 10.22 4.41 -23.43
C ASN B 216 11.39 5.08 -24.14
N GLY B 217 12.47 5.32 -23.39
CA GLY B 217 13.69 5.88 -23.92
C GLY B 217 13.83 7.39 -23.85
N VAL B 218 12.80 8.11 -23.44
CA VAL B 218 12.91 9.57 -23.39
C VAL B 218 12.70 10.15 -21.99
N VAL B 219 13.64 11.01 -21.61
CA VAL B 219 13.53 11.74 -20.35
C VAL B 219 12.80 13.04 -20.64
N SER B 220 11.57 13.16 -20.15
CA SER B 220 10.78 14.36 -20.37
C SER B 220 10.43 14.98 -19.02
N HIS B 221 9.51 15.94 -19.02
CA HIS B 221 9.10 16.58 -17.78
C HIS B 221 8.32 15.62 -16.89
N ILE B 222 7.98 14.46 -17.43
CA ILE B 222 7.21 13.48 -16.69
C ILE B 222 7.99 12.84 -15.54
N TYR B 223 7.36 12.80 -14.38
CA TYR B 223 7.93 12.18 -13.18
C TYR B 223 7.19 10.87 -12.91
N THR B 224 5.86 10.96 -12.98
CA THR B 224 4.99 9.80 -12.83
C THR B 224 3.84 9.91 -13.82
N LEU B 225 3.37 8.78 -14.36
CA LEU B 225 2.28 8.80 -15.31
C LEU B 225 1.13 7.90 -14.83
N GLY B 226 0.05 7.86 -15.60
CA GLY B 226 -1.10 7.03 -15.29
C GLY B 226 -1.98 7.62 -14.19
N HIS B 227 -2.28 8.90 -14.31
CA HIS B 227 -3.11 9.58 -13.32
C HIS B 227 -4.41 10.07 -13.93
N ARG B 228 -5.45 10.18 -13.12
CA ARG B 228 -6.74 10.68 -13.59
C ARG B 228 -6.87 12.17 -13.29
N ASN B 229 -7.16 12.49 -12.03
CA ASN B 229 -7.27 13.88 -11.62
C ASN B 229 -6.64 14.08 -10.24
N PRO B 230 -5.32 14.14 -10.20
CA PRO B 230 -4.56 14.31 -8.99
C PRO B 230 -4.58 15.76 -8.49
N GLN B 231 -5.58 16.10 -7.69
CA GLN B 231 -5.72 17.45 -7.16
C GLN B 231 -4.92 17.64 -5.88
N GLY B 232 -4.56 16.53 -5.24
CA GLY B 232 -3.79 16.59 -4.00
C GLY B 232 -2.32 16.28 -4.27
N LEU B 233 -1.44 17.08 -3.72
CA LEU B 233 0.00 16.89 -3.88
C LEU B 233 0.73 17.64 -2.77
N ALA B 234 1.44 16.90 -1.92
CA ALA B 234 2.13 17.53 -0.81
C ALA B 234 3.28 16.67 -0.30
N PHE B 235 4.38 17.34 0.02
CA PHE B 235 5.58 16.69 0.53
C PHE B 235 5.52 16.53 2.05
N THR B 236 5.92 15.35 2.51
CA THR B 236 5.99 15.07 3.95
C THR B 236 7.34 15.59 4.44
N PRO B 237 7.47 15.81 5.74
CA PRO B 237 8.69 16.33 6.31
C PRO B 237 9.93 15.53 5.96
N ASN B 238 9.78 14.24 5.66
CA ASN B 238 10.94 13.41 5.34
C ASN B 238 11.16 13.29 3.84
N GLY B 239 10.62 14.21 3.06
CA GLY B 239 10.83 14.25 1.63
C GLY B 239 9.94 13.35 0.78
N LYS B 240 9.03 12.60 1.39
CA LYS B 240 8.15 11.76 0.58
C LYS B 240 7.07 12.61 -0.08
N LEU B 241 6.56 12.14 -1.22
CA LEU B 241 5.55 12.92 -1.94
C LEU B 241 4.20 12.22 -1.91
N LEU B 242 3.31 12.71 -1.05
CA LEU B 242 1.97 12.15 -0.93
C LEU B 242 1.02 12.85 -1.89
N GLN B 243 0.03 12.12 -2.38
CA GLN B 243 -0.89 12.64 -3.37
C GLN B 243 -2.30 12.08 -3.19
N SER B 244 -3.29 12.92 -3.48
CA SER B 244 -4.69 12.47 -3.46
C SER B 244 -5.20 12.59 -4.89
N GLU B 245 -6.01 11.64 -5.33
CA GLU B 245 -6.49 11.64 -6.71
C GLU B 245 -7.92 11.16 -6.85
N GLN B 246 -8.64 11.75 -7.79
CA GLN B 246 -10.02 11.38 -8.06
C GLN B 246 -10.13 10.25 -9.08
N GLY B 247 -10.82 9.18 -8.71
CA GLY B 247 -11.02 8.04 -9.61
C GLY B 247 -12.38 8.17 -10.30
N PRO B 248 -12.77 7.18 -11.07
CA PRO B 248 -14.03 7.16 -11.79
C PRO B 248 -15.25 7.05 -10.89
N ASN B 249 -16.09 6.04 -11.06
CA ASN B 249 -17.27 5.88 -10.21
C ASN B 249 -16.84 5.43 -8.81
N SER B 250 -15.57 5.08 -8.71
CA SER B 250 -14.99 4.57 -7.48
C SER B 250 -13.48 4.80 -7.45
N ASP B 251 -12.85 4.22 -6.45
CA ASP B 251 -11.41 4.22 -6.30
C ASP B 251 -10.71 5.58 -6.34
N ASP B 252 -11.14 6.49 -5.47
CA ASP B 252 -10.36 7.73 -5.30
C ASP B 252 -9.07 7.26 -4.63
N GLU B 253 -7.97 7.99 -4.76
CA GLU B 253 -6.74 7.47 -4.20
C GLU B 253 -5.91 8.43 -3.36
N ILE B 254 -5.18 7.80 -2.43
CA ILE B 254 -4.13 8.42 -1.66
C ILE B 254 -2.87 7.68 -2.15
N ASN B 255 -2.04 8.36 -2.92
CA ASN B 255 -0.87 7.73 -3.50
C ASN B 255 0.43 8.30 -2.92
N LEU B 256 1.47 7.49 -3.05
CA LEU B 256 2.81 7.90 -2.67
C LEU B 256 3.56 8.07 -3.99
N ILE B 257 3.86 9.30 -4.38
CA ILE B 257 4.48 9.55 -5.67
C ILE B 257 5.92 9.05 -5.72
N VAL B 258 6.15 8.08 -6.60
CA VAL B 258 7.44 7.43 -6.76
C VAL B 258 8.03 7.67 -8.14
N LYS B 259 9.27 8.14 -8.19
CA LYS B 259 9.94 8.43 -9.44
C LYS B 259 9.78 7.31 -10.47
N GLY B 260 9.27 7.65 -11.65
CA GLY B 260 9.10 6.71 -12.73
C GLY B 260 7.90 5.78 -12.54
N GLY B 261 7.13 5.99 -11.48
CA GLY B 261 5.99 5.15 -11.18
C GLY B 261 4.86 5.30 -12.19
N ASN B 262 4.23 4.18 -12.52
CA ASN B 262 3.07 4.16 -13.40
C ASN B 262 1.84 3.92 -12.53
N TYR B 263 1.02 4.95 -12.37
CA TYR B 263 -0.12 4.84 -11.45
C TYR B 263 -1.32 4.20 -12.09
N GLY B 264 -1.15 3.66 -13.29
CA GLY B 264 -2.12 2.85 -13.96
C GLY B 264 -3.28 3.42 -14.72
N TRP B 265 -3.80 4.59 -14.36
CA TRP B 265 -4.94 5.14 -15.10
C TRP B 265 -4.60 5.21 -16.58
N PRO B 266 -5.52 4.84 -17.45
CA PRO B 266 -6.87 4.47 -17.10
C PRO B 266 -7.19 2.99 -16.98
N ASN B 267 -6.20 2.13 -17.21
CA ASN B 267 -6.44 0.69 -17.19
C ASN B 267 -6.71 0.16 -15.79
N VAL B 268 -6.30 0.90 -14.77
CA VAL B 268 -6.49 0.46 -13.39
C VAL B 268 -6.87 1.63 -12.48
N ALA B 269 -7.99 1.44 -11.79
CA ALA B 269 -8.48 2.38 -10.80
C ALA B 269 -8.29 1.76 -9.42
N GLY B 270 -7.48 2.39 -8.59
CA GLY B 270 -7.19 1.83 -7.27
C GLY B 270 -6.23 0.65 -7.44
N TYR B 271 -6.49 -0.42 -6.70
CA TYR B 271 -5.65 -1.61 -6.77
C TYR B 271 -5.93 -2.38 -8.06
N LYS B 272 -4.97 -3.20 -8.48
CA LYS B 272 -5.20 -4.05 -9.64
C LYS B 272 -5.95 -5.29 -9.11
N ASP B 273 -7.24 -5.10 -8.86
CA ASP B 273 -8.10 -6.12 -8.27
C ASP B 273 -9.23 -6.59 -9.17
N ASP B 274 -9.40 -5.96 -10.32
CA ASP B 274 -10.50 -6.33 -11.22
C ASP B 274 -11.84 -6.25 -10.48
N SER B 275 -11.94 -5.32 -9.54
CA SER B 275 -13.12 -5.21 -8.70
C SER B 275 -13.83 -3.86 -8.77
N GLY B 276 -15.07 -3.87 -9.24
CA GLY B 276 -15.90 -2.68 -9.29
C GLY B 276 -15.65 -1.78 -10.50
N TYR B 277 -14.48 -1.87 -11.10
CA TYR B 277 -14.14 -1.06 -12.27
C TYR B 277 -13.58 -1.92 -13.38
N ALA B 278 -13.70 -1.44 -14.61
CA ALA B 278 -13.14 -2.08 -15.79
C ALA B 278 -12.87 -0.98 -16.83
N TYR B 279 -11.77 -1.12 -17.56
CA TYR B 279 -11.42 -0.09 -18.55
C TYR B 279 -12.16 -0.28 -19.86
N ALA B 280 -13.17 0.57 -20.05
CA ALA B 280 -13.96 0.58 -21.28
C ALA B 280 -13.48 1.76 -22.12
N ASN B 281 -12.84 1.45 -23.25
CA ASN B 281 -12.28 2.50 -24.11
C ASN B 281 -13.31 3.03 -25.10
N TYR B 282 -13.94 4.16 -24.76
CA TYR B 282 -14.97 4.71 -25.64
C TYR B 282 -14.40 5.30 -26.91
N SER B 283 -13.15 5.76 -26.91
CA SER B 283 -12.56 6.29 -28.13
C SER B 283 -12.47 5.22 -29.21
N ALA B 284 -12.55 3.95 -28.80
CA ALA B 284 -12.47 2.84 -29.73
C ALA B 284 -13.80 2.13 -29.91
N ALA B 285 -14.88 2.79 -29.46
CA ALA B 285 -16.22 2.21 -29.58
C ALA B 285 -16.56 1.93 -31.03
N ALA B 286 -17.16 0.77 -31.30
CA ALA B 286 -17.55 0.40 -32.65
C ALA B 286 -18.49 1.45 -33.23
N ASN B 287 -19.66 1.59 -32.61
CA ASN B 287 -20.61 2.63 -33.06
C ASN B 287 -20.60 3.73 -32.00
N LYS B 288 -20.16 4.94 -32.38
CA LYS B 288 -19.98 6.02 -31.42
C LYS B 288 -21.20 6.85 -31.12
N SER B 289 -22.39 6.35 -31.45
CA SER B 289 -23.63 7.04 -31.08
C SER B 289 -24.10 6.42 -29.75
N ILE B 290 -23.42 5.32 -29.39
CA ILE B 290 -23.74 4.62 -28.15
C ILE B 290 -23.55 5.53 -26.94
N LYS B 291 -24.24 5.17 -25.85
CA LYS B 291 -24.16 5.94 -24.62
C LYS B 291 -23.33 5.25 -23.54
N ASP B 292 -22.73 6.08 -22.69
CA ASP B 292 -21.96 5.58 -21.55
C ASP B 292 -22.92 5.31 -20.39
N LEU B 293 -23.10 4.04 -20.06
CA LEU B 293 -24.01 3.63 -19.00
C LEU B 293 -23.64 4.18 -17.64
N ALA B 294 -22.43 4.71 -17.48
CA ALA B 294 -21.99 5.27 -16.20
C ALA B 294 -22.02 4.22 -15.10
N GLN B 295 -21.66 2.99 -15.46
CA GLN B 295 -21.64 1.89 -14.50
C GLN B 295 -20.21 1.38 -14.30
N ASN B 296 -19.27 2.31 -14.32
CA ASN B 296 -17.85 2.11 -14.09
C ASN B 296 -17.18 1.01 -14.89
N GLY B 297 -17.67 0.71 -16.09
CA GLY B 297 -17.05 -0.27 -16.95
C GLY B 297 -17.42 -1.71 -16.67
N VAL B 298 -18.14 -1.97 -15.58
CA VAL B 298 -18.56 -3.33 -15.27
C VAL B 298 -19.57 -3.77 -16.34
N LYS B 299 -20.51 -2.85 -16.60
CA LYS B 299 -21.52 -3.06 -17.63
C LYS B 299 -21.47 -1.85 -18.58
N VAL B 300 -21.19 -2.14 -19.84
CA VAL B 300 -21.09 -1.07 -20.84
C VAL B 300 -21.95 -1.38 -22.05
N ALA B 301 -22.33 -0.35 -22.79
CA ALA B 301 -23.15 -0.52 -23.99
C ALA B 301 -22.44 -1.38 -25.01
N ALA B 302 -23.18 -1.87 -26.00
CA ALA B 302 -22.59 -2.72 -27.04
C ALA B 302 -21.62 -1.94 -27.90
N GLY B 303 -20.52 -2.59 -28.30
CA GLY B 303 -19.55 -1.99 -29.19
C GLY B 303 -18.33 -1.35 -28.54
N VAL B 304 -18.33 -1.11 -27.24
CA VAL B 304 -17.17 -0.49 -26.60
C VAL B 304 -16.22 -1.53 -26.04
N PRO B 305 -14.96 -1.46 -26.46
CA PRO B 305 -13.92 -2.38 -26.04
C PRO B 305 -13.63 -2.25 -24.55
N VAL B 306 -13.61 -3.39 -23.85
CA VAL B 306 -13.36 -3.42 -22.43
C VAL B 306 -12.15 -4.29 -22.10
N THR B 307 -11.24 -3.74 -21.30
CA THR B 307 -10.03 -4.46 -20.90
C THR B 307 -9.92 -4.50 -19.38
N LYS B 308 -9.85 -5.70 -18.83
CA LYS B 308 -9.74 -5.87 -17.38
C LYS B 308 -8.41 -5.32 -16.88
N GLU B 309 -8.36 -4.90 -15.62
CA GLU B 309 -7.14 -4.38 -15.03
C GLU B 309 -6.02 -5.42 -15.08
N SER B 310 -6.38 -6.68 -14.89
CA SER B 310 -5.41 -7.77 -14.92
C SER B 310 -4.93 -8.07 -16.34
N GLU B 311 -5.68 -7.59 -17.33
CA GLU B 311 -5.30 -7.80 -18.72
C GLU B 311 -4.40 -6.67 -19.21
N TRP B 312 -4.17 -5.70 -18.33
CA TRP B 312 -3.32 -4.56 -18.64
C TRP B 312 -1.85 -4.96 -18.74
N THR B 313 -1.24 -4.67 -19.87
CA THR B 313 0.16 -5.02 -20.12
C THR B 313 1.12 -3.91 -19.75
N GLY B 314 0.83 -3.17 -18.68
CA GLY B 314 1.69 -2.08 -18.26
C GLY B 314 2.78 -2.50 -17.29
N LYS B 315 3.72 -1.60 -17.04
CA LYS B 315 4.84 -1.86 -16.15
C LYS B 315 5.01 -0.75 -15.12
N ASN B 316 5.79 -1.02 -14.09
CA ASN B 316 6.03 -0.07 -13.01
C ASN B 316 4.74 0.34 -12.29
N PHE B 317 3.76 -0.54 -12.25
CA PHE B 317 2.50 -0.22 -11.57
C PHE B 317 2.69 -0.04 -10.08
N VAL B 318 2.25 1.12 -9.58
CA VAL B 318 2.28 1.44 -8.16
C VAL B 318 0.85 1.62 -7.66
N PRO B 319 0.42 0.74 -6.77
CA PRO B 319 -0.92 0.79 -6.21
C PRO B 319 -1.06 1.89 -5.18
N PRO B 320 -2.28 2.32 -4.91
CA PRO B 320 -2.55 3.37 -3.94
C PRO B 320 -2.40 2.90 -2.51
N LEU B 321 -2.04 3.81 -1.61
CA LEU B 321 -1.95 3.51 -0.19
C LEU B 321 -3.35 3.24 0.37
N LYS B 322 -4.33 3.92 -0.21
CA LYS B 322 -5.71 3.78 0.23
C LYS B 322 -6.69 4.18 -0.88
N THR B 323 -7.80 3.48 -0.95
CA THR B 323 -8.84 3.76 -1.93
C THR B 323 -10.13 4.20 -1.25
N LEU B 324 -10.77 5.25 -1.79
CA LEU B 324 -12.02 5.75 -1.27
C LEU B 324 -13.02 5.88 -2.41
N TYR B 325 -13.70 4.81 -2.80
CA TYR B 325 -13.61 3.51 -2.19
C TYR B 325 -13.49 2.41 -3.24
N THR B 326 -13.30 1.18 -2.77
CA THR B 326 -13.26 0.02 -3.65
C THR B 326 -14.52 -0.82 -3.37
N VAL B 327 -15.20 -1.28 -4.41
CA VAL B 327 -16.40 -2.09 -4.21
C VAL B 327 -16.36 -3.29 -5.16
N GLN B 328 -17.26 -4.25 -4.96
CA GLN B 328 -17.26 -5.44 -5.81
C GLN B 328 -18.13 -5.22 -7.04
N ASP B 329 -18.06 -6.13 -8.00
CA ASP B 329 -18.79 -6.04 -9.24
C ASP B 329 -20.30 -5.97 -9.07
N THR B 330 -20.83 -6.52 -7.99
CA THR B 330 -22.27 -6.52 -7.75
C THR B 330 -22.78 -5.17 -7.31
N TYR B 331 -21.90 -4.18 -7.22
CA TYR B 331 -22.29 -2.86 -6.74
C TYR B 331 -23.24 -2.16 -7.71
N ASN B 332 -24.26 -1.53 -7.12
CA ASN B 332 -25.27 -0.79 -7.86
C ASN B 332 -24.84 0.68 -8.00
N TYR B 333 -24.39 1.07 -9.18
CA TYR B 333 -23.96 2.45 -9.38
C TYR B 333 -25.14 3.38 -9.64
N ASN B 334 -26.32 2.81 -9.81
CA ASN B 334 -27.54 3.60 -9.99
C ASN B 334 -28.32 3.62 -8.67
N ASP B 335 -27.83 4.47 -7.78
CA ASP B 335 -28.32 4.64 -6.42
C ASP B 335 -29.40 5.69 -6.32
N PRO B 336 -30.64 5.26 -6.12
CA PRO B 336 -31.82 6.10 -6.13
C PRO B 336 -31.99 7.11 -5.02
N THR B 337 -31.10 7.17 -4.06
CA THR B 337 -31.20 8.11 -2.95
C THR B 337 -30.57 9.46 -3.32
N CYS B 338 -29.90 9.43 -4.47
CA CYS B 338 -29.27 10.62 -5.03
C CYS B 338 -30.09 11.13 -6.21
N GLY B 339 -31.06 10.30 -6.60
CA GLY B 339 -32.01 10.59 -7.65
C GLY B 339 -31.46 11.08 -8.97
N GLU B 340 -31.77 12.34 -9.28
CA GLU B 340 -31.37 12.96 -10.53
C GLU B 340 -29.85 13.04 -10.67
N MET B 341 -29.17 13.03 -9.52
CA MET B 341 -27.71 13.10 -9.49
C MET B 341 -27.12 11.78 -9.00
N THR B 342 -27.15 10.78 -9.86
CA THR B 342 -26.68 9.44 -9.56
C THR B 342 -25.19 9.33 -9.30
N TYR B 343 -24.47 10.44 -9.33
CA TYR B 343 -23.02 10.38 -9.14
C TYR B 343 -22.59 10.54 -7.69
N ILE B 344 -23.36 11.28 -6.91
CA ILE B 344 -22.98 11.52 -5.51
C ILE B 344 -23.11 10.30 -4.64
N CYS B 345 -23.92 9.32 -5.00
CA CYS B 345 -24.04 8.13 -4.16
C CYS B 345 -23.00 7.07 -4.53
N TRP B 346 -22.16 7.38 -5.52
CA TRP B 346 -21.11 6.46 -5.90
C TRP B 346 -20.08 6.33 -4.77
N PRO B 347 -19.42 5.19 -4.72
CA PRO B 347 -18.41 4.92 -3.70
C PRO B 347 -17.14 5.69 -3.97
N THR B 348 -17.24 7.01 -3.87
CA THR B 348 -16.16 7.95 -4.05
C THR B 348 -16.32 9.09 -3.06
N VAL B 349 -15.32 9.96 -2.93
CA VAL B 349 -15.42 11.09 -2.03
C VAL B 349 -14.99 12.38 -2.72
N ALA B 350 -14.45 12.26 -3.93
CA ALA B 350 -13.95 13.41 -4.66
C ALA B 350 -12.95 14.19 -3.82
N PRO B 351 -11.80 13.58 -3.55
CA PRO B 351 -10.74 14.20 -2.78
C PRO B 351 -10.30 15.45 -3.51
N SER B 352 -10.47 16.60 -2.86
CA SER B 352 -10.19 17.87 -3.48
C SER B 352 -8.76 18.36 -3.29
N SER B 353 -8.02 17.81 -2.34
CA SER B 353 -6.65 18.27 -2.11
C SER B 353 -5.91 17.28 -1.21
N ALA B 354 -4.69 17.60 -0.85
CA ALA B 354 -3.90 16.75 0.03
C ALA B 354 -2.94 17.63 0.83
N TYR B 355 -3.14 17.68 2.14
CA TYR B 355 -2.29 18.52 2.98
C TYR B 355 -1.67 17.74 4.13
N VAL B 356 -0.35 17.88 4.26
CA VAL B 356 0.38 17.19 5.32
C VAL B 356 0.40 18.05 6.58
N TYR B 357 -0.31 17.58 7.60
CA TYR B 357 -0.38 18.27 8.88
C TYR B 357 0.97 18.17 9.59
N LYS B 358 1.69 19.27 9.67
CA LYS B 358 3.01 19.32 10.25
C LYS B 358 3.05 19.56 11.76
N GLY B 359 1.90 19.64 12.41
CA GLY B 359 1.87 19.87 13.86
C GLY B 359 2.23 21.30 14.21
N GLY B 360 3.03 21.47 15.26
CA GLY B 360 3.43 22.81 15.70
C GLY B 360 3.35 22.91 17.22
N LYS B 361 3.64 24.09 17.76
CA LYS B 361 3.63 24.30 19.20
C LYS B 361 2.25 24.17 19.84
N LYS B 362 1.19 23.99 19.06
CA LYS B 362 -0.14 23.81 19.61
C LYS B 362 -0.83 22.62 18.94
N ALA B 363 -0.03 21.76 18.33
CA ALA B 363 -0.47 20.60 17.62
C ALA B 363 -1.63 19.86 18.28
N ILE B 364 -2.56 19.40 17.45
CA ILE B 364 -3.73 18.66 17.91
C ILE B 364 -3.34 17.25 18.33
N THR B 365 -3.84 16.83 19.48
CA THR B 365 -3.54 15.51 20.04
C THR B 365 -3.89 14.37 19.09
N GLY B 366 -2.90 13.54 18.78
CA GLY B 366 -3.08 12.36 17.95
C GLY B 366 -3.06 12.61 16.45
N TRP B 367 -2.75 13.83 16.03
CA TRP B 367 -2.74 14.17 14.61
C TRP B 367 -1.36 14.09 13.99
N GLU B 368 -0.38 13.56 14.72
CA GLU B 368 0.97 13.46 14.18
C GLU B 368 0.99 12.60 12.91
N ASN B 369 1.65 13.11 11.88
CA ASN B 369 1.82 12.40 10.63
C ASN B 369 0.51 12.08 9.93
N THR B 370 -0.40 13.05 9.90
CA THR B 370 -1.69 12.85 9.24
C THR B 370 -1.75 13.58 7.90
N LEU B 371 -2.72 13.19 7.08
CA LEU B 371 -2.95 13.78 5.78
C LEU B 371 -4.41 14.24 5.71
N LEU B 372 -4.61 15.54 5.59
CA LEU B 372 -5.98 16.09 5.53
C LEU B 372 -6.47 16.14 4.09
N VAL B 373 -7.53 15.38 3.81
CA VAL B 373 -8.08 15.30 2.46
C VAL B 373 -9.51 15.84 2.41
N PRO B 374 -9.67 17.04 1.87
CA PRO B 374 -10.96 17.67 1.75
C PRO B 374 -11.83 16.95 0.73
N SER B 375 -13.06 16.64 1.12
CA SER B 375 -14.00 15.97 0.24
C SER B 375 -15.00 16.98 -0.33
N LEU B 376 -15.19 16.93 -1.65
CA LEU B 376 -16.10 17.84 -2.31
C LEU B 376 -17.56 17.39 -2.13
N LYS B 377 -17.85 16.17 -2.60
CA LYS B 377 -19.22 15.67 -2.59
C LYS B 377 -19.70 15.12 -1.27
N ARG B 378 -18.86 15.00 -0.25
CA ARG B 378 -19.31 14.44 1.03
C ARG B 378 -19.38 15.51 2.12
N GLY B 379 -18.82 16.68 1.85
CA GLY B 379 -18.83 17.76 2.83
C GLY B 379 -18.07 17.39 4.09
N VAL B 380 -16.87 16.83 3.93
CA VAL B 380 -16.05 16.47 5.08
C VAL B 380 -14.56 16.65 4.79
N ILE B 381 -13.80 16.67 5.88
CA ILE B 381 -12.35 16.70 5.76
C ILE B 381 -11.81 15.41 6.36
N PHE B 382 -11.42 14.52 5.46
CA PHE B 382 -10.88 13.23 5.86
C PHE B 382 -9.50 13.42 6.49
N ARG B 383 -9.33 12.80 7.66
CA ARG B 383 -8.04 12.86 8.34
C ARG B 383 -7.44 11.46 8.27
N ILE B 384 -6.40 11.31 7.46
CA ILE B 384 -5.77 10.02 7.26
C ILE B 384 -4.41 9.94 7.95
N LYS B 385 -4.31 9.02 8.90
CA LYS B 385 -3.08 8.84 9.67
C LYS B 385 -2.10 7.89 8.99
N LEU B 386 -0.83 8.25 9.05
CA LEU B 386 0.26 7.44 8.52
C LEU B 386 1.28 7.23 9.64
N ASP B 387 2.22 6.33 9.41
CA ASP B 387 3.25 6.08 10.43
C ASP B 387 4.26 7.22 10.38
N PRO B 388 5.12 7.32 11.38
CA PRO B 388 6.12 8.37 11.46
C PRO B 388 7.01 8.49 10.24
N THR B 389 7.16 7.43 9.44
CA THR B 389 8.01 7.50 8.26
C THR B 389 7.20 7.79 7.00
N TYR B 390 5.89 7.87 7.16
CA TYR B 390 5.00 8.12 6.01
C TYR B 390 5.17 7.02 4.97
N SER B 391 5.14 5.77 5.43
CA SER B 391 5.29 4.63 4.54
C SER B 391 3.94 3.95 4.32
N THR B 392 3.13 3.95 5.37
CA THR B 392 1.83 3.29 5.34
C THR B 392 0.75 4.13 6.01
N THR B 393 -0.51 3.83 5.69
CA THR B 393 -1.62 4.47 6.37
C THR B 393 -2.01 3.61 7.58
N TYR B 394 -2.48 4.27 8.63
CA TYR B 394 -2.98 3.58 9.81
C TYR B 394 -4.51 3.69 9.77
N ASP B 395 -5.19 2.56 9.84
CA ASP B 395 -6.64 2.56 9.86
C ASP B 395 -7.22 3.24 8.63
N ASP B 396 -8.43 3.78 8.74
CA ASP B 396 -9.15 4.35 7.62
C ASP B 396 -9.15 5.87 7.58
N ALA B 397 -9.79 6.42 6.54
CA ALA B 397 -9.94 7.86 6.41
C ALA B 397 -11.12 8.30 7.29
N VAL B 398 -10.83 9.12 8.30
CA VAL B 398 -11.85 9.59 9.23
C VAL B 398 -12.46 10.91 8.79
N PRO B 399 -13.78 10.93 8.62
CA PRO B 399 -14.50 12.12 8.21
C PRO B 399 -14.55 13.18 9.29
N MET B 400 -14.36 14.44 8.90
CA MET B 400 -14.42 15.55 9.83
C MET B 400 -15.21 16.73 9.25
N PHE B 401 -15.71 17.57 10.14
CA PHE B 401 -16.42 18.79 9.79
C PHE B 401 -17.55 18.57 8.78
N LYS B 402 -18.41 17.59 9.03
CA LYS B 402 -19.53 17.34 8.13
C LYS B 402 -20.39 18.59 8.00
N SER B 403 -20.80 18.88 6.76
CA SER B 403 -21.62 20.05 6.46
C SER B 403 -22.03 20.02 4.99
N ASN B 404 -23.06 20.79 4.66
CA ASN B 404 -23.50 20.87 3.26
C ASN B 404 -22.60 21.86 2.54
N ASN B 405 -21.34 21.47 2.37
CA ASN B 405 -20.34 22.28 1.70
C ASN B 405 -19.39 21.42 0.89
N ARG B 406 -18.86 21.98 -0.19
CA ARG B 406 -17.90 21.24 -1.01
C ARG B 406 -16.49 21.67 -0.61
N TYR B 407 -15.89 20.94 0.32
CA TYR B 407 -14.55 21.29 0.78
C TYR B 407 -13.56 21.22 -0.38
N ARG B 408 -12.90 22.34 -0.62
CA ARG B 408 -11.99 22.52 -1.75
C ARG B 408 -10.52 22.41 -1.38
N ASP B 409 -10.10 23.03 -0.29
CA ASP B 409 -8.70 23.00 0.12
C ASP B 409 -8.59 23.12 1.64
N VAL B 410 -7.42 22.83 2.18
CA VAL B 410 -7.22 22.92 3.62
C VAL B 410 -5.75 23.09 3.98
N ILE B 411 -5.51 23.92 4.98
CA ILE B 411 -4.18 24.16 5.52
C ILE B 411 -4.30 24.30 7.04
N ALA B 412 -3.15 24.36 7.71
CA ALA B 412 -3.14 24.52 9.16
C ALA B 412 -2.27 25.72 9.54
N SER B 413 -2.65 26.41 10.61
CA SER B 413 -1.80 27.52 11.07
C SER B 413 -0.49 26.91 11.54
N PRO B 414 0.58 27.69 11.57
CA PRO B 414 1.88 27.23 11.97
C PRO B 414 1.87 26.55 13.34
N ASP B 415 1.12 27.12 14.28
CA ASP B 415 1.03 26.53 15.61
C ASP B 415 0.28 25.20 15.57
N GLY B 416 -0.59 25.05 14.57
CA GLY B 416 -1.30 23.82 14.33
C GLY B 416 -2.63 23.60 15.02
N ASN B 417 -3.15 24.59 15.75
CA ASN B 417 -4.41 24.38 16.45
C ASN B 417 -5.63 24.83 15.66
N VAL B 418 -5.42 25.44 14.49
CA VAL B 418 -6.52 25.89 13.66
C VAL B 418 -6.35 25.44 12.20
N LEU B 419 -7.46 25.05 11.60
CA LEU B 419 -7.48 24.63 10.20
C LEU B 419 -8.23 25.67 9.37
N TYR B 420 -7.67 26.00 8.21
CA TYR B 420 -8.30 26.95 7.31
C TYR B 420 -8.73 26.21 6.04
N VAL B 421 -10.02 26.25 5.75
CA VAL B 421 -10.53 25.53 4.58
C VAL B 421 -11.24 26.47 3.60
N LEU B 422 -11.28 26.03 2.35
CA LEU B 422 -11.98 26.74 1.29
C LEU B 422 -13.12 25.84 0.81
N THR B 423 -14.27 26.44 0.54
CA THR B 423 -15.43 25.68 0.06
C THR B 423 -15.82 26.20 -1.33
N ASP B 424 -16.46 25.37 -2.13
CA ASP B 424 -16.87 25.79 -3.46
C ASP B 424 -18.02 26.79 -3.40
N THR B 425 -18.05 27.69 -4.38
CA THR B 425 -19.11 28.69 -4.48
C THR B 425 -20.44 28.00 -4.81
N ALA B 426 -20.40 27.10 -5.79
CA ALA B 426 -21.59 26.37 -6.20
C ALA B 426 -21.26 24.91 -6.49
N GLY B 427 -22.28 24.06 -6.51
CA GLY B 427 -22.09 22.66 -6.78
C GLY B 427 -23.00 21.76 -5.94
N ASN B 428 -22.87 20.45 -6.15
CA ASN B 428 -23.67 19.46 -5.44
C ASN B 428 -22.91 18.87 -4.26
N VAL B 429 -23.66 18.54 -3.20
CA VAL B 429 -23.09 17.95 -2.00
C VAL B 429 -24.10 17.01 -1.34
N GLN B 430 -23.59 15.97 -0.67
CA GLN B 430 -24.48 15.01 -0.02
C GLN B 430 -24.96 15.51 1.33
N LYS B 431 -26.27 15.39 1.55
CA LYS B 431 -26.89 15.82 2.79
C LYS B 431 -26.71 14.76 3.86
N ASP B 432 -27.09 15.05 5.10
CA ASP B 432 -26.95 14.08 6.18
C ASP B 432 -27.70 12.78 5.89
N ASP B 433 -28.80 12.88 5.16
CA ASP B 433 -29.63 11.72 4.86
C ASP B 433 -29.17 10.95 3.62
N GLY B 434 -28.11 11.41 2.97
CA GLY B 434 -27.60 10.72 1.80
C GLY B 434 -28.05 11.32 0.48
N SER B 435 -29.08 12.16 0.50
CA SER B 435 -29.58 12.78 -0.72
C SER B 435 -28.79 14.02 -1.08
N VAL B 436 -29.04 14.58 -2.26
CA VAL B 436 -28.28 15.72 -2.74
C VAL B 436 -28.96 17.08 -2.66
N THR B 437 -28.09 18.07 -2.48
CA THR B 437 -28.41 19.48 -2.40
C THR B 437 -27.38 20.29 -3.18
N ASN B 438 -27.74 21.51 -3.53
CA ASN B 438 -26.81 22.44 -4.15
C ASN B 438 -26.80 23.71 -3.29
N THR B 439 -27.59 23.64 -2.23
CA THR B 439 -27.68 24.72 -1.25
C THR B 439 -26.52 24.58 -0.28
N LEU B 440 -25.43 25.28 -0.60
CA LEU B 440 -24.21 25.21 0.20
C LEU B 440 -24.25 26.17 1.37
N GLU B 441 -24.00 25.64 2.56
CA GLU B 441 -24.03 26.44 3.78
C GLU B 441 -23.10 27.65 3.71
N ASN B 442 -21.85 27.43 3.28
CA ASN B 442 -20.88 28.51 3.21
C ASN B 442 -20.25 28.58 1.82
N PRO B 443 -20.98 29.14 0.87
CA PRO B 443 -20.54 29.25 -0.51
C PRO B 443 -19.29 30.10 -0.67
N GLY B 444 -18.32 29.58 -1.41
CA GLY B 444 -17.06 30.28 -1.65
C GLY B 444 -16.54 30.90 -0.35
N SER B 445 -16.38 30.07 0.68
CA SER B 445 -15.95 30.56 1.97
C SER B 445 -14.55 30.11 2.39
N LEU B 446 -14.00 30.89 3.30
CA LEU B 446 -12.72 30.63 3.95
C LEU B 446 -13.04 30.40 5.44
N ILE B 447 -13.16 29.15 5.82
CA ILE B 447 -13.56 28.82 7.19
C ILE B 447 -12.38 28.44 8.07
N LYS B 448 -12.38 28.94 9.31
CA LYS B 448 -11.33 28.59 10.26
C LYS B 448 -11.92 27.66 11.31
N PHE B 449 -11.27 26.52 11.56
CA PHE B 449 -11.75 25.57 12.56
C PHE B 449 -10.73 25.48 13.69
N THR B 450 -11.08 25.93 14.89
CA THR B 450 -10.13 25.93 16.00
C THR B 450 -10.35 24.79 16.99
N TYR B 451 -9.27 24.14 17.42
CA TYR B 451 -9.35 22.99 18.31
C TYR B 451 -9.39 23.28 19.80
N LYS B 452 -10.00 22.35 20.51
CA LYS B 452 -10.15 22.27 21.95
C LYS B 452 -8.93 22.79 22.70
CA CA C . -9.77 -8.39 2.93
CA CA D . -2.96 -8.63 7.41
CA CA E . -4.15 -20.39 3.60
N1 PQQ F . 1.32 -25.05 4.68
C2 PQQ F . 2.06 -24.80 5.79
C2X PQQ F . 3.17 -25.58 6.05
O2A PQQ F . 3.40 -26.58 5.34
O2B PQQ F . 3.91 -25.30 6.97
C3 PQQ F . 1.50 -23.75 6.49
C3A PQQ F . 0.40 -23.35 5.81
C1A PQQ F . 0.29 -24.15 4.71
C4 PQQ F . -0.53 -22.34 6.07
O4 PQQ F . -0.46 -21.50 7.17
C5 PQQ F . -1.58 -22.14 5.22
O5 PQQ F . -2.49 -21.16 5.48
C6A PQQ F . -1.72 -22.96 4.07
N6 PQQ F . -2.79 -22.59 3.34
C7 PQQ F . -2.95 -23.27 2.21
C7X PQQ F . -4.05 -22.79 1.46
O7A PQQ F . -4.52 -21.65 1.69
O7B PQQ F . -4.55 -23.49 0.53
C8 PQQ F . -2.12 -24.29 1.84
C9 PQQ F . -1.02 -24.67 2.63
C9X PQQ F . -0.22 -25.76 2.22
O9A PQQ F . -0.40 -26.31 1.11
O9B PQQ F . 0.68 -26.26 2.88
C9A PQQ F . -0.78 -23.97 3.79
C1 GOL G . -5.14 -28.17 4.82
O1 GOL G . -3.73 -28.14 4.73
C2 GOL G . -5.64 -26.72 5.14
O2 GOL G . -6.60 -26.33 4.13
C3 GOL G . -4.44 -25.75 5.10
O3 GOL G . -4.79 -24.43 5.56
C1 GOL H . -26.24 -19.66 -3.69
O1 GOL H . -24.87 -20.04 -3.68
C2 GOL H . -26.67 -19.40 -2.20
O2 GOL H . -27.05 -18.01 -2.06
C3 GOL H . -25.48 -19.71 -1.25
O3 GOL H . -25.82 -19.59 0.13
C1 GOL I . -7.78 -21.96 -8.68
O1 GOL I . -7.13 -23.20 -8.39
C2 GOL I . -6.70 -21.02 -9.31
O2 GOL I . -5.44 -21.70 -9.29
C3 GOL I . -6.60 -19.69 -8.51
O3 GOL I . -6.10 -19.85 -7.18
CA CA J . -9.25 -1.77 -9.21
CA CA K . -3.99 4.95 -9.70
CA CA L . -15.21 10.48 -9.42
N1 PQQ M . -15.32 17.64 -8.78
C2 PQQ M . -14.26 18.25 -9.38
C2X PQQ M . -14.08 19.61 -9.22
O2A PQQ M . -14.97 20.29 -8.66
O2B PQQ M . -13.08 20.16 -9.62
C3 PQQ M . -13.53 17.31 -10.08
C3A PQQ M . -14.15 16.12 -9.94
C1A PQQ M . -15.25 16.33 -9.15
C4 PQQ M . -13.85 14.86 -10.46
O4 PQQ M . -12.75 14.60 -11.26
C5 PQQ M . -14.66 13.80 -10.17
O5 PQQ M . -14.34 12.58 -10.68
C6A PQQ M . -15.80 13.97 -9.33
N6 PQQ M . -16.45 12.80 -9.13
C7 PQQ M . -17.49 12.87 -8.32
C7X PQQ M . -18.10 11.62 -8.10
O7A PQQ M . -17.59 10.56 -8.51
O7B PQQ M . -19.18 11.54 -7.44
C8 PQQ M . -17.90 14.07 -7.76
C9 PQQ M . -17.22 15.27 -7.99
C9X PQQ M . -17.67 16.45 -7.36
O9A PQQ M . -18.49 16.40 -6.42
O9B PQQ M . -17.30 17.57 -7.67
C9A PQQ M . -16.10 15.25 -8.81
C1 GOL N . -18.27 16.74 -12.42
O1 GOL N . -18.12 16.91 -11.01
C2 GOL N . -19.32 15.62 -12.68
O2 GOL N . -20.64 16.09 -12.32
C3 GOL N . -19.00 14.36 -11.82
O3 GOL N . -19.51 13.16 -12.40
#